data_4DKU
#
_entry.id   4DKU
#
_cell.length_a   64.232
_cell.length_b   68.436
_cell.length_c   93.967
_cell.angle_alpha   90.00
_cell.angle_beta   91.81
_cell.angle_gamma   90.00
#
_symmetry.space_group_name_H-M   'P 1 21 1'
#
loop_
_entity.id
_entity.type
_entity.pdbx_description
1 polymer 'HIV-1 gp120 core'
2 non-polymer 2-acetamido-2-deoxy-beta-D-glucopyranose
3 non-polymer '4-(2-HYDROXYETHYL)-1-PIPERAZINE ETHANESULFONIC ACID'
4 non-polymer "N-(4-chlorophenyl)-N'-{(S)-[5-(hydroxymethyl)-4-methyl-1,3-thiazol-2-yl][(2S)-piperidin-2-yl]methyl}ethanediamide"
5 water water
#
_entity_poly.entity_id   1
_entity_poly.type   'polypeptide(L)'
_entity_poly.pdbx_seq_one_letter_code
;VWKDADTTLFCASDAKAHETEVHNVWATHACVPTDPNPQEIHLENVTENFNMWKNNMVEQMQEDVISLWDQSLQPCVKLT
GGSVIKQACPKISFDPIPIHYCTPAGYVILKCNDKNFNGTGPCKNVSSVQCTHGIKPVVSTQLLLNGSLAEEEIIIRSEN
LTNNAKTIIVHLNKSVEINCTRPSNGGSGSGGDIRKAYCEINGTKWNKVLKQVTEKLKEHFNNKTIIFQPPSGGDLEITM
HSFNCRGEFFYCNTTQLFNNTCIGNETMKGCNGTITLPCKIKQIINMWQGTGQAMYAPPIDGKINCVSNITGILLTRDGG
ANNTSNETFRPGGGNIKDNWRSELYKYKVVQIE
;
_entity_poly.pdbx_strand_id   A,B
#
# COMPACT_ATOMS: atom_id res chain seq x y z
N VAL A 1 5.70 9.13 37.74
CA VAL A 1 6.25 9.87 36.62
C VAL A 1 7.47 9.15 36.05
N TRP A 2 7.61 9.17 34.73
CA TRP A 2 8.68 8.42 34.08
C TRP A 2 9.28 9.15 32.89
N LYS A 3 10.34 8.56 32.33
CA LYS A 3 10.99 9.10 31.14
C LYS A 3 11.65 7.95 30.38
N ASP A 4 11.72 8.07 29.05
CA ASP A 4 12.42 7.09 28.23
C ASP A 4 13.86 6.94 28.70
N ALA A 5 14.27 5.70 28.91
CA ALA A 5 15.64 5.45 29.37
C ALA A 5 16.18 4.13 28.84
N ASP A 6 17.50 4.01 28.87
CA ASP A 6 18.16 2.77 28.52
C ASP A 6 18.90 2.23 29.74
N THR A 7 18.66 0.96 30.05
CA THR A 7 19.36 0.32 31.15
C THR A 7 19.65 -1.14 30.81
N THR A 8 20.56 -1.74 31.54
CA THR A 8 20.90 -3.14 31.34
C THR A 8 19.75 -4.03 31.80
N LEU A 9 19.21 -4.82 30.89
CA LEU A 9 18.07 -5.68 31.17
C LEU A 9 18.53 -7.05 31.66
N PHE A 10 17.61 -7.81 32.23
CA PHE A 10 17.88 -9.21 32.53
C PHE A 10 16.83 -10.09 31.87
N CYS A 11 17.10 -11.40 31.81
CA CYS A 11 16.20 -12.32 31.12
C CYS A 11 15.58 -13.37 32.05
N ALA A 12 14.44 -13.90 31.61
CA ALA A 12 13.77 -14.97 32.33
C ALA A 12 13.30 -16.02 31.34
N SER A 13 13.38 -17.29 31.74
CA SER A 13 12.98 -18.39 30.88
C SER A 13 12.50 -19.58 31.70
N ASP A 14 11.94 -20.57 31.03
CA ASP A 14 11.54 -21.81 31.67
C ASP A 14 12.47 -22.94 31.25
N ALA A 15 13.76 -22.63 31.16
CA ALA A 15 14.76 -23.60 30.74
C ALA A 15 14.85 -24.77 31.71
N LYS A 16 15.20 -25.94 31.18
CA LYS A 16 15.39 -27.12 32.01
C LYS A 16 16.88 -27.27 32.30
N ALA A 17 17.22 -27.50 33.57
CA ALA A 17 18.61 -27.57 34.00
C ALA A 17 19.30 -28.85 33.56
N HIS A 18 18.51 -29.82 33.11
CA HIS A 18 19.05 -31.13 32.75
C HIS A 18 19.10 -31.34 31.24
N GLU A 19 18.62 -30.36 30.50
CA GLU A 19 18.67 -30.41 29.04
C GLU A 19 20.08 -30.12 28.54
N THR A 20 20.50 -30.87 27.53
CA THR A 20 21.79 -30.63 26.88
C THR A 20 21.58 -29.68 25.70
N GLU A 21 20.32 -29.42 25.38
CA GLU A 21 19.97 -28.49 24.31
C GLU A 21 20.53 -27.11 24.64
N VAL A 22 21.19 -26.50 23.67
CA VAL A 22 22.04 -25.34 23.92
C VAL A 22 21.30 -24.08 24.40
N HIS A 23 20.05 -23.91 24.00
CA HIS A 23 19.26 -22.77 24.46
C HIS A 23 18.90 -22.92 25.93
N ASN A 24 18.51 -24.13 26.32
CA ASN A 24 18.22 -24.44 27.72
C ASN A 24 19.46 -24.24 28.59
N VAL A 25 20.61 -24.66 28.08
CA VAL A 25 21.86 -24.58 28.83
C VAL A 25 22.26 -23.13 29.06
N TRP A 26 22.17 -22.32 28.01
CA TRP A 26 22.51 -20.90 28.10
C TRP A 26 21.60 -20.18 29.08
N ALA A 27 20.29 -20.36 28.92
CA ALA A 27 19.30 -19.68 29.76
C ALA A 27 19.42 -20.11 31.21
N THR A 28 19.79 -21.37 31.43
CA THR A 28 19.99 -21.92 32.77
C THR A 28 21.09 -21.16 33.50
N HIS A 29 22.10 -20.73 32.75
CA HIS A 29 23.23 -20.02 33.34
C HIS A 29 23.16 -18.50 33.16
N ALA A 30 22.22 -18.03 32.34
CA ALA A 30 22.15 -16.61 32.02
C ALA A 30 20.82 -15.92 32.36
N CYS A 31 19.78 -16.70 32.62
CA CYS A 31 18.47 -16.13 32.94
C CYS A 31 17.96 -16.61 34.29
N VAL A 32 16.79 -16.11 34.68
CA VAL A 32 16.16 -16.50 35.93
C VAL A 32 14.84 -17.18 35.62
N PRO A 33 14.24 -17.87 36.61
CA PRO A 33 12.91 -18.43 36.39
C PRO A 33 11.90 -17.34 36.08
N THR A 34 10.92 -17.65 35.23
CA THR A 34 9.88 -16.69 34.90
C THR A 34 8.95 -16.49 36.08
N ASP A 35 8.27 -15.34 36.10
CA ASP A 35 7.26 -15.06 37.10
C ASP A 35 5.98 -15.78 36.70
N PRO A 36 5.48 -16.66 37.58
CA PRO A 36 4.25 -17.42 37.30
C PRO A 36 3.02 -16.54 37.27
N ASN A 37 3.03 -15.46 38.05
CA ASN A 37 1.91 -14.54 38.08
C ASN A 37 2.34 -13.10 37.79
N PRO A 38 2.63 -12.80 36.51
CA PRO A 38 3.13 -11.48 36.11
C PRO A 38 2.10 -10.38 36.29
N GLN A 39 2.54 -9.24 36.84
CA GLN A 39 1.67 -8.09 37.02
C GLN A 39 1.73 -7.16 35.81
N GLU A 40 0.59 -6.56 35.49
CA GLU A 40 0.49 -5.65 34.35
C GLU A 40 -0.50 -4.54 34.65
N ILE A 41 -0.01 -3.31 34.69
CA ILE A 41 -0.86 -2.16 34.96
C ILE A 41 -1.25 -1.46 33.67
N HIS A 42 -2.54 -1.47 33.36
CA HIS A 42 -3.05 -0.76 32.19
C HIS A 42 -3.24 0.73 32.51
N LEU A 43 -2.54 1.57 31.77
CA LEU A 43 -2.53 3.01 32.04
C LEU A 43 -3.64 3.74 31.28
N GLU A 44 -4.62 4.24 32.03
CA GLU A 44 -5.75 4.96 31.44
C GLU A 44 -5.33 6.35 30.97
N ASN A 45 -5.85 6.76 29.82
CA ASN A 45 -5.64 8.11 29.27
C ASN A 45 -4.17 8.51 29.18
N VAL A 46 -3.32 7.57 28.78
CA VAL A 46 -1.90 7.84 28.61
C VAL A 46 -1.48 7.60 27.17
N THR A 47 -0.75 8.56 26.60
CA THR A 47 -0.19 8.40 25.27
C THR A 47 1.33 8.40 25.30
N GLU A 48 1.93 7.30 24.85
CA GLU A 48 3.38 7.18 24.77
C GLU A 48 3.82 6.99 23.32
N ASN A 49 4.94 7.61 22.96
CA ASN A 49 5.48 7.43 21.62
C ASN A 49 6.52 6.32 21.58
N PHE A 50 6.38 5.43 20.60
CA PHE A 50 7.31 4.31 20.45
C PHE A 50 8.10 4.44 19.14
N ASN A 51 9.28 3.83 19.12
CA ASN A 51 10.09 3.78 17.91
C ASN A 51 10.87 2.48 17.85
N MET A 52 10.25 1.46 17.24
CA MET A 52 10.81 0.12 17.16
C MET A 52 12.17 0.09 16.48
N TRP A 53 12.42 1.04 15.59
CA TRP A 53 13.63 1.06 14.77
C TRP A 53 14.83 1.61 15.53
N LYS A 54 14.57 2.29 16.63
CA LYS A 54 15.64 2.80 17.49
C LYS A 54 15.35 2.39 18.93
N ASN A 55 15.43 1.10 19.19
CA ASN A 55 15.09 0.54 20.49
C ASN A 55 16.25 -0.30 21.02
N ASN A 56 16.80 0.11 22.15
CA ASN A 56 17.97 -0.55 22.72
C ASN A 56 17.70 -1.99 23.17
N MET A 57 16.43 -2.32 23.37
CA MET A 57 16.04 -3.69 23.68
C MET A 57 16.48 -4.61 22.55
N VAL A 58 16.38 -4.12 21.32
CA VAL A 58 16.82 -4.87 20.16
C VAL A 58 18.32 -5.16 20.20
N GLU A 59 19.13 -4.12 20.43
CA GLU A 59 20.58 -4.28 20.54
C GLU A 59 20.95 -5.29 21.63
N GLN A 60 20.24 -5.25 22.75
CA GLN A 60 20.56 -6.11 23.89
C GLN A 60 20.23 -7.57 23.62
N MET A 61 19.13 -7.84 22.93
CA MET A 61 18.76 -9.21 22.61
C MET A 61 19.75 -9.78 21.60
N GLN A 62 20.15 -8.94 20.66
CA GLN A 62 21.15 -9.31 19.67
C GLN A 62 22.44 -9.73 20.36
N GLU A 63 22.80 -9.00 21.41
CA GLU A 63 24.00 -9.32 22.18
C GLU A 63 23.88 -10.69 22.86
N ASP A 64 22.67 -11.04 23.29
CA ASP A 64 22.43 -12.35 23.89
C ASP A 64 22.61 -13.47 22.88
N VAL A 65 21.92 -13.36 21.75
CA VAL A 65 21.90 -14.43 20.76
C VAL A 65 23.27 -14.65 20.14
N ILE A 66 24.06 -13.57 20.07
CA ILE A 66 25.45 -13.68 19.66
C ILE A 66 26.22 -14.48 20.71
N SER A 67 26.01 -14.12 21.98
CA SER A 67 26.68 -14.77 23.10
C SER A 67 26.30 -16.25 23.17
N LEU A 68 25.01 -16.53 22.98
CA LEU A 68 24.51 -17.89 22.96
C LEU A 68 25.18 -18.71 21.87
N TRP A 69 25.18 -18.16 20.65
CA TRP A 69 25.77 -18.83 19.50
C TRP A 69 27.28 -19.01 19.60
N ASP A 70 27.97 -18.05 20.22
CA ASP A 70 29.41 -18.16 20.41
C ASP A 70 29.76 -19.33 21.31
N GLN A 71 28.94 -19.53 22.34
CA GLN A 71 29.19 -20.58 23.32
C GLN A 71 28.67 -21.93 22.85
N SER A 72 27.63 -21.90 22.03
CA SER A 72 26.90 -23.12 21.66
C SER A 72 27.22 -23.64 20.27
N LEU A 73 27.46 -22.73 19.33
CA LEU A 73 27.67 -23.13 17.95
C LEU A 73 29.04 -22.74 17.41
N GLN A 74 30.07 -23.43 17.90
CA GLN A 74 31.42 -23.21 17.40
C GLN A 74 31.67 -24.07 16.17
N PRO A 75 32.02 -23.42 15.04
CA PRO A 75 32.33 -24.11 13.79
C PRO A 75 33.73 -24.70 13.79
N CYS A 76 33.99 -25.63 12.88
CA CYS A 76 35.30 -26.25 12.77
C CYS A 76 36.35 -25.22 12.35
N VAL A 77 35.97 -24.35 11.42
CA VAL A 77 36.88 -23.36 10.88
C VAL A 77 36.26 -21.96 10.86
N LYS A 78 36.94 -21.01 11.49
CA LYS A 78 36.52 -19.61 11.45
C LYS A 78 37.40 -18.82 10.49
N LEU A 79 36.77 -18.06 9.60
CA LEU A 79 37.49 -17.23 8.64
C LEU A 79 37.15 -15.76 8.90
N THR A 80 37.67 -15.22 10.00
CA THR A 80 37.30 -13.87 10.41
C THR A 80 38.44 -12.87 10.36
N GLY A 81 38.37 -11.96 9.39
CA GLY A 81 39.31 -10.85 9.29
C GLY A 81 40.76 -11.24 9.06
N GLY A 82 41.01 -12.09 8.07
CA GLY A 82 42.36 -12.47 7.73
C GLY A 82 42.87 -13.68 8.49
N SER A 83 42.57 -13.72 9.79
CA SER A 83 43.00 -14.83 10.63
C SER A 83 42.08 -16.03 10.46
N VAL A 84 42.63 -17.22 10.69
CA VAL A 84 41.87 -18.46 10.57
C VAL A 84 41.90 -19.23 11.88
N ILE A 85 40.73 -19.60 12.38
CA ILE A 85 40.63 -20.30 13.64
C ILE A 85 40.03 -21.71 13.48
N LYS A 86 40.82 -22.72 13.86
CA LYS A 86 40.36 -24.10 13.77
C LYS A 86 40.00 -24.67 15.13
N GLN A 87 38.72 -24.96 15.33
CA GLN A 87 38.23 -25.50 16.59
C GLN A 87 37.56 -26.84 16.39
N ALA A 88 37.25 -27.51 17.50
CA ALA A 88 36.42 -28.70 17.46
C ALA A 88 34.98 -28.27 17.22
N CYS A 89 34.25 -29.06 16.44
CA CYS A 89 32.88 -28.70 16.08
C CYS A 89 31.92 -29.85 16.29
N PRO A 90 31.65 -30.20 17.56
CA PRO A 90 30.78 -31.33 17.87
C PRO A 90 29.33 -31.04 17.52
N LYS A 91 28.57 -32.10 17.24
CA LYS A 91 27.14 -31.95 16.99
C LYS A 91 26.39 -31.67 18.28
N ILE A 92 25.52 -30.66 18.26
CA ILE A 92 24.79 -30.26 19.45
C ILE A 92 23.29 -30.48 19.28
N SER A 93 22.55 -30.22 20.35
CA SER A 93 21.09 -30.27 20.31
C SER A 93 20.57 -28.85 20.22
N PHE A 94 19.73 -28.59 19.21
CA PHE A 94 19.36 -27.22 18.88
C PHE A 94 17.85 -27.05 18.69
N ASP A 95 17.23 -26.28 19.59
CA ASP A 95 15.83 -25.90 19.45
C ASP A 95 15.53 -24.69 20.34
N PRO A 96 15.31 -23.52 19.71
CA PRO A 96 15.13 -22.23 20.41
C PRO A 96 13.98 -22.25 21.40
N ILE A 97 14.18 -21.64 22.56
CA ILE A 97 13.12 -21.56 23.57
C ILE A 97 12.75 -20.10 23.81
N PRO A 98 11.52 -19.84 24.29
CA PRO A 98 11.13 -18.46 24.56
C PRO A 98 12.02 -17.79 25.60
N ILE A 99 12.45 -16.56 25.30
CA ILE A 99 13.24 -15.78 26.25
C ILE A 99 12.49 -14.50 26.56
N HIS A 100 12.36 -14.18 27.85
CA HIS A 100 11.69 -12.96 28.28
C HIS A 100 12.73 -11.90 28.59
N TYR A 101 12.39 -10.64 28.33
CA TYR A 101 13.28 -9.54 28.67
C TYR A 101 12.66 -8.63 29.72
N CYS A 102 13.44 -8.35 30.76
CA CYS A 102 12.91 -7.70 31.95
C CYS A 102 13.72 -6.49 32.42
N THR A 103 13.05 -5.58 33.11
CA THR A 103 13.69 -4.40 33.69
C THR A 103 13.94 -4.57 35.18
N PRO A 104 15.10 -4.09 35.66
CA PRO A 104 15.41 -4.10 37.09
C PRO A 104 14.63 -3.01 37.82
N ALA A 105 14.84 -2.92 39.13
CA ALA A 105 14.14 -1.93 39.94
C ALA A 105 14.42 -0.51 39.45
N GLY A 106 13.42 0.36 39.56
CA GLY A 106 13.55 1.74 39.12
C GLY A 106 13.15 1.92 37.67
N TYR A 107 13.04 0.81 36.94
CA TYR A 107 12.65 0.84 35.54
C TYR A 107 11.44 -0.05 35.31
N VAL A 108 10.72 0.21 34.22
CA VAL A 108 9.55 -0.57 33.84
C VAL A 108 9.51 -0.63 32.31
N ILE A 109 8.98 -1.71 31.75
CA ILE A 109 8.75 -1.79 30.32
C ILE A 109 7.33 -1.35 30.00
N LEU A 110 7.19 -0.38 29.11
CA LEU A 110 5.87 0.02 28.64
C LEU A 110 5.51 -0.79 27.40
N LYS A 111 4.26 -1.25 27.35
CA LYS A 111 3.81 -2.13 26.28
C LYS A 111 2.62 -1.54 25.54
N CYS A 112 2.78 -1.34 24.23
CA CYS A 112 1.71 -0.80 23.40
C CYS A 112 0.71 -1.88 23.04
N ASN A 113 -0.56 -1.62 23.33
CA ASN A 113 -1.62 -2.60 23.06
C ASN A 113 -2.61 -2.15 22.00
N ASP A 114 -2.22 -1.14 21.22
CA ASP A 114 -3.05 -0.69 20.11
C ASP A 114 -3.19 -1.79 19.06
N LYS A 115 -4.41 -1.94 18.54
CA LYS A 115 -4.75 -3.06 17.66
C LYS A 115 -3.85 -3.21 16.44
N ASN A 116 -3.72 -2.14 15.67
CA ASN A 116 -2.92 -2.19 14.44
C ASN A 116 -1.64 -1.37 14.52
N PHE A 117 -0.98 -1.45 15.66
CA PHE A 117 0.23 -0.69 15.92
C PHE A 117 1.37 -1.06 14.97
N ASN A 118 1.88 -0.07 14.24
CA ASN A 118 2.88 -0.32 13.21
C ASN A 118 4.33 -0.22 13.70
N GLY A 119 4.50 0.07 14.99
CA GLY A 119 5.83 0.10 15.59
C GLY A 119 6.43 1.47 15.82
N THR A 120 5.88 2.48 15.14
CA THR A 120 6.35 3.85 15.33
C THR A 120 5.19 4.80 15.57
N GLY A 121 5.39 5.76 16.46
CA GLY A 121 4.38 6.77 16.72
C GLY A 121 3.69 6.60 18.06
N PRO A 122 2.63 7.38 18.28
CA PRO A 122 1.90 7.37 19.55
C PRO A 122 1.09 6.11 19.74
N CYS A 123 1.08 5.60 20.97
CA CYS A 123 0.24 4.48 21.33
C CYS A 123 -0.76 4.95 22.38
N LYS A 124 -2.04 4.61 22.17
CA LYS A 124 -3.10 5.07 23.06
C LYS A 124 -3.41 4.07 24.16
N ASN A 125 -3.29 2.78 23.87
CA ASN A 125 -3.54 1.74 24.86
C ASN A 125 -2.23 1.17 25.40
N VAL A 126 -1.69 1.84 26.42
CA VAL A 126 -0.37 1.49 26.95
C VAL A 126 -0.46 0.88 28.34
N SER A 127 0.26 -0.23 28.54
CA SER A 127 0.33 -0.87 29.86
C SER A 127 1.78 -1.04 30.30
N SER A 128 1.97 -1.26 31.59
CA SER A 128 3.31 -1.43 32.14
C SER A 128 3.54 -2.87 32.61
N VAL A 129 4.66 -3.44 32.19
CA VAL A 129 5.02 -4.79 32.57
C VAL A 129 6.47 -4.82 33.02
N GLN A 130 6.85 -5.89 33.72
CA GLN A 130 8.25 -6.06 34.09
C GLN A 130 8.99 -6.87 33.04
N CYS A 131 8.27 -7.76 32.37
CA CYS A 131 8.89 -8.63 31.37
C CYS A 131 8.12 -8.65 30.06
N THR A 132 8.83 -8.87 28.96
CA THR A 132 8.20 -9.07 27.66
C THR A 132 7.57 -10.45 27.62
N HIS A 133 6.86 -10.74 26.54
CA HIS A 133 6.41 -12.11 26.31
C HIS A 133 7.63 -12.94 25.92
N GLY A 134 7.54 -14.25 26.06
CA GLY A 134 8.65 -15.13 25.72
C GLY A 134 8.95 -15.12 24.24
N ILE A 135 10.18 -14.73 23.89
CA ILE A 135 10.59 -14.63 22.50
C ILE A 135 11.67 -15.65 22.14
N LYS A 136 11.36 -16.51 21.18
CA LYS A 136 12.36 -17.44 20.66
C LYS A 136 13.35 -16.71 19.77
N PRO A 137 14.67 -16.91 20.03
CA PRO A 137 15.74 -16.32 19.22
C PRO A 137 15.91 -17.03 17.88
N VAL A 138 14.84 -17.10 17.09
CA VAL A 138 14.87 -17.78 15.80
C VAL A 138 15.57 -16.94 14.74
N VAL A 139 16.72 -17.42 14.30
CA VAL A 139 17.50 -16.73 13.28
C VAL A 139 17.14 -17.23 11.88
N SER A 140 16.76 -16.30 11.01
CA SER A 140 16.41 -16.65 9.65
C SER A 140 16.44 -15.43 8.73
N THR A 141 16.31 -15.68 7.44
CA THR A 141 16.20 -14.62 6.45
C THR A 141 14.95 -14.86 5.63
N GLN A 142 14.54 -13.85 4.87
CA GLN A 142 13.34 -13.92 4.02
C GLN A 142 12.06 -14.11 4.80
N LEU A 143 11.92 -15.25 5.46
CA LEU A 143 10.70 -15.56 6.21
C LEU A 143 10.98 -15.52 7.70
N LEU A 144 10.06 -14.93 8.44
CA LEU A 144 10.14 -14.92 9.89
C LEU A 144 9.40 -16.14 10.42
N LEU A 145 10.05 -16.90 11.30
CA LEU A 145 9.50 -18.19 11.73
C LEU A 145 9.19 -18.25 13.22
N ASN A 146 8.08 -18.91 13.54
CA ASN A 146 7.68 -19.16 14.93
C ASN A 146 7.55 -17.91 15.80
N GLY A 147 7.28 -16.78 15.16
CA GLY A 147 7.10 -15.54 15.89
C GLY A 147 5.67 -15.37 16.38
N SER A 148 5.38 -14.20 16.93
CA SER A 148 4.02 -13.87 17.34
C SER A 148 3.26 -13.37 16.12
N LEU A 149 1.94 -13.53 16.14
CA LEU A 149 1.11 -13.07 15.03
C LEU A 149 0.46 -11.73 15.34
N ALA A 150 0.28 -10.92 14.31
CA ALA A 150 -0.48 -9.68 14.42
C ALA A 150 -1.89 -9.99 14.93
N GLU A 151 -2.40 -9.15 15.82
CA GLU A 151 -3.71 -9.41 16.44
C GLU A 151 -4.88 -9.21 15.49
N GLU A 152 -5.02 -8.00 14.95
CA GLU A 152 -6.13 -7.69 14.06
C GLU A 152 -5.75 -8.03 12.62
N GLU A 153 -5.36 -7.03 11.85
CA GLU A 153 -5.01 -7.25 10.45
C GLU A 153 -3.51 -7.23 10.20
N ILE A 154 -3.11 -7.68 9.01
CA ILE A 154 -1.71 -7.72 8.61
C ILE A 154 -1.09 -6.33 8.73
N ILE A 155 0.11 -6.27 9.29
CA ILE A 155 0.78 -4.99 9.51
C ILE A 155 2.09 -4.87 8.74
N ILE A 156 2.24 -3.76 8.02
CA ILE A 156 3.48 -3.46 7.32
C ILE A 156 4.33 -2.55 8.21
N ARG A 157 5.60 -2.89 8.37
CA ARG A 157 6.48 -2.09 9.21
C ARG A 157 7.70 -1.62 8.43
N SER A 158 8.10 -0.37 8.66
CA SER A 158 9.30 0.21 8.07
C SER A 158 9.67 1.52 8.75
N GLU A 159 10.98 1.74 8.93
CA GLU A 159 11.47 2.99 9.48
C GLU A 159 11.09 4.16 8.56
N ASN A 160 10.99 3.86 7.26
CA ASN A 160 10.66 4.86 6.25
C ASN A 160 10.37 4.18 4.92
N LEU A 161 9.10 3.87 4.67
CA LEU A 161 8.68 3.19 3.45
C LEU A 161 9.15 3.90 2.17
N THR A 162 9.23 5.23 2.23
CA THR A 162 9.65 6.02 1.08
C THR A 162 11.10 5.72 0.72
N ASN A 163 11.87 5.29 1.72
CA ASN A 163 13.25 4.88 1.49
C ASN A 163 13.34 3.38 1.22
N ASN A 164 13.82 3.04 0.02
CA ASN A 164 13.86 1.64 -0.41
C ASN A 164 15.01 0.83 0.20
N ALA A 165 16.01 1.53 0.74
CA ALA A 165 17.13 0.86 1.40
C ALA A 165 16.75 0.42 2.81
N LYS A 166 15.55 0.78 3.26
CA LYS A 166 15.04 0.35 4.56
C LYS A 166 14.20 -0.90 4.41
N THR A 167 14.55 -1.93 5.18
CA THR A 167 13.87 -3.21 5.11
C THR A 167 12.42 -3.10 5.57
N ILE A 168 11.55 -3.85 4.90
CA ILE A 168 10.14 -3.88 5.24
C ILE A 168 9.81 -5.16 6.00
N ILE A 169 9.22 -5.02 7.18
CA ILE A 169 8.78 -6.18 7.95
C ILE A 169 7.27 -6.36 7.84
N VAL A 170 6.86 -7.41 7.14
CA VAL A 170 5.44 -7.77 7.05
C VAL A 170 5.07 -8.67 8.22
N HIS A 171 4.03 -8.29 8.96
CA HIS A 171 3.60 -9.08 10.11
C HIS A 171 2.27 -9.79 9.83
N LEU A 172 2.33 -11.11 9.70
CA LEU A 172 1.15 -11.90 9.35
C LEU A 172 0.13 -12.01 10.48
N ASN A 173 -1.14 -12.15 10.12
CA ASN A 173 -2.20 -12.36 11.12
C ASN A 173 -2.72 -13.80 11.09
N LYS A 174 -2.09 -14.62 10.25
CA LYS A 174 -2.39 -16.05 10.19
C LYS A 174 -1.16 -16.83 9.76
N SER A 175 -0.85 -17.90 10.50
CA SER A 175 0.31 -18.74 10.22
C SER A 175 0.16 -19.57 8.95
N VAL A 176 1.25 -19.69 8.22
CA VAL A 176 1.34 -20.66 7.13
C VAL A 176 2.49 -21.62 7.44
N GLU A 177 2.16 -22.90 7.64
CA GLU A 177 3.16 -23.89 7.99
C GLU A 177 4.14 -24.16 6.86
N ILE A 178 5.41 -24.28 7.20
CA ILE A 178 6.44 -24.68 6.25
C ILE A 178 7.15 -25.94 6.73
N ASN A 179 7.00 -27.02 5.96
CA ASN A 179 7.46 -28.34 6.35
C ASN A 179 8.80 -28.68 5.69
N CYS A 180 9.88 -28.62 6.46
CA CYS A 180 11.22 -28.82 5.92
C CYS A 180 11.85 -30.13 6.40
N THR A 181 12.29 -30.95 5.45
CA THR A 181 12.94 -32.21 5.78
C THR A 181 14.21 -32.45 4.97
N ARG A 182 15.21 -33.02 5.64
CA ARG A 182 16.28 -33.72 4.96
C ARG A 182 16.00 -35.19 5.23
N PRO A 183 15.53 -35.91 4.20
CA PRO A 183 15.17 -37.33 4.33
C PRO A 183 16.35 -38.21 4.73
N SER A 184 16.07 -39.36 5.34
CA SER A 184 17.12 -40.23 5.86
C SER A 184 17.81 -41.06 4.77
N ASN A 185 17.01 -41.83 4.03
CA ASN A 185 17.55 -42.68 2.97
C ASN A 185 16.64 -42.76 1.76
N GLY A 192 22.18 -40.42 -2.06
CA GLY A 192 22.82 -39.83 -3.22
C GLY A 192 23.29 -38.41 -2.97
N ASP A 193 22.66 -37.74 -2.00
CA ASP A 193 23.02 -36.37 -1.66
C ASP A 193 22.50 -36.04 -0.25
N ILE A 194 23.38 -36.17 0.74
CA ILE A 194 22.97 -35.98 2.13
C ILE A 194 22.64 -34.53 2.48
N ARG A 195 22.87 -33.62 1.53
CA ARG A 195 22.58 -32.20 1.76
C ARG A 195 21.29 -31.76 1.08
N LYS A 196 20.83 -32.56 0.12
CA LYS A 196 19.59 -32.29 -0.57
C LYS A 196 18.41 -32.31 0.40
N ALA A 197 17.61 -31.25 0.40
CA ALA A 197 16.46 -31.15 1.29
C ALA A 197 15.34 -30.35 0.64
N TYR A 198 14.17 -30.35 1.26
CA TYR A 198 13.02 -29.67 0.67
C TYR A 198 12.04 -29.14 1.70
N CYS A 199 11.42 -28.00 1.38
CA CYS A 199 10.38 -27.41 2.22
C CYS A 199 9.02 -27.52 1.54
N GLU A 200 8.01 -27.89 2.31
CA GLU A 200 6.66 -28.05 1.77
C GLU A 200 5.67 -27.06 2.39
N ILE A 201 5.04 -26.26 1.54
CA ILE A 201 4.08 -25.26 1.98
C ILE A 201 2.74 -25.46 1.29
N ASN A 202 1.66 -25.44 2.08
CA ASN A 202 0.31 -25.48 1.52
C ASN A 202 0.11 -24.32 0.55
N GLY A 203 -0.19 -24.65 -0.71
CA GLY A 203 -0.27 -23.66 -1.76
C GLY A 203 -1.39 -22.64 -1.61
N THR A 204 -2.62 -23.11 -1.52
CA THR A 204 -3.78 -22.22 -1.42
C THR A 204 -3.68 -21.29 -0.20
N LYS A 205 -3.17 -21.83 0.90
CA LYS A 205 -2.97 -21.05 2.12
C LYS A 205 -2.00 -19.90 1.87
N TRP A 206 -0.84 -20.22 1.31
CA TRP A 206 0.21 -19.24 1.07
C TRP A 206 -0.20 -18.17 0.07
N ASN A 207 -0.82 -18.59 -1.03
CA ASN A 207 -1.26 -17.64 -2.05
C ASN A 207 -2.33 -16.69 -1.53
N LYS A 208 -3.26 -17.22 -0.74
CA LYS A 208 -4.30 -16.41 -0.11
C LYS A 208 -3.68 -15.37 0.80
N VAL A 209 -2.68 -15.77 1.56
CA VAL A 209 -2.00 -14.86 2.47
C VAL A 209 -1.22 -13.80 1.71
N LEU A 210 -0.46 -14.24 0.71
CA LEU A 210 0.32 -13.33 -0.12
C LEU A 210 -0.58 -12.30 -0.80
N LYS A 211 -1.73 -12.73 -1.26
CA LYS A 211 -2.73 -11.85 -1.86
C LYS A 211 -3.20 -10.81 -0.84
N GLN A 212 -3.39 -11.24 0.41
CA GLN A 212 -3.76 -10.33 1.49
C GLN A 212 -2.64 -9.34 1.76
N VAL A 213 -1.41 -9.82 1.68
CA VAL A 213 -0.23 -8.97 1.85
C VAL A 213 -0.19 -7.89 0.77
N THR A 214 -0.43 -8.29 -0.48
CA THR A 214 -0.44 -7.37 -1.60
C THR A 214 -1.47 -6.25 -1.40
N GLU A 215 -2.68 -6.61 -0.99
CA GLU A 215 -3.74 -5.65 -0.76
C GLU A 215 -3.33 -4.65 0.31
N LYS A 216 -2.64 -5.13 1.33
CA LYS A 216 -2.18 -4.27 2.42
C LYS A 216 -1.08 -3.34 1.93
N LEU A 217 -0.23 -3.84 1.04
CA LEU A 217 0.84 -3.04 0.48
C LEU A 217 0.30 -1.90 -0.38
N LYS A 218 -0.81 -2.16 -1.08
CA LYS A 218 -1.46 -1.13 -1.91
C LYS A 218 -1.91 0.06 -1.06
N GLU A 219 -2.38 -0.21 0.15
CA GLU A 219 -2.82 0.85 1.06
C GLU A 219 -1.67 1.78 1.42
N HIS A 220 -0.46 1.26 1.46
CA HIS A 220 0.72 2.05 1.83
C HIS A 220 1.42 2.68 0.63
N PHE A 221 1.09 2.21 -0.58
CA PHE A 221 1.74 2.69 -1.79
C PHE A 221 0.75 3.21 -2.82
N ASN A 222 -0.23 3.96 -2.35
CA ASN A 222 -1.17 4.68 -3.22
C ASN A 222 -1.84 3.83 -4.30
N ASN A 223 -2.19 2.59 -3.95
CA ASN A 223 -2.90 1.68 -4.84
C ASN A 223 -2.14 1.30 -6.11
N LYS A 224 -0.82 1.42 -6.08
CA LYS A 224 0.00 0.95 -7.18
C LYS A 224 -0.03 -0.58 -7.19
N THR A 225 0.20 -1.18 -8.36
CA THR A 225 0.15 -2.64 -8.47
C THR A 225 1.39 -3.27 -7.83
N ILE A 226 1.15 -4.23 -6.95
CA ILE A 226 2.23 -4.84 -6.19
C ILE A 226 2.76 -6.08 -6.88
N ILE A 227 4.06 -6.09 -7.12
CA ILE A 227 4.70 -7.19 -7.83
C ILE A 227 5.81 -7.82 -7.00
N PHE A 228 5.75 -9.15 -6.86
CA PHE A 228 6.81 -9.88 -6.18
C PHE A 228 7.81 -10.45 -7.18
N GLN A 229 9.08 -10.42 -6.81
CA GLN A 229 10.13 -11.00 -7.63
C GLN A 229 11.18 -11.65 -6.74
N PRO A 230 11.83 -12.72 -7.24
CA PRO A 230 12.94 -13.30 -6.50
C PRO A 230 14.11 -12.33 -6.44
N PRO A 231 14.94 -12.40 -5.40
CA PRO A 231 16.11 -11.53 -5.25
C PRO A 231 17.01 -11.59 -6.47
N SER A 232 17.57 -10.45 -6.86
CA SER A 232 18.35 -10.37 -8.09
C SER A 232 19.82 -10.74 -7.88
N GLY A 233 20.36 -10.38 -6.72
CA GLY A 233 21.75 -10.68 -6.40
C GLY A 233 22.02 -10.65 -4.92
N GLY A 234 23.26 -10.95 -4.55
CA GLY A 234 23.64 -10.97 -3.14
C GLY A 234 24.08 -12.35 -2.69
N ASP A 235 24.44 -12.45 -1.41
CA ASP A 235 24.88 -13.73 -0.85
C ASP A 235 23.71 -14.70 -0.71
N LEU A 236 24.02 -15.99 -0.62
CA LEU A 236 23.00 -17.03 -0.55
C LEU A 236 22.08 -16.87 0.65
N GLU A 237 22.61 -16.31 1.74
CA GLU A 237 21.82 -16.08 2.94
C GLU A 237 20.69 -15.11 2.67
N ILE A 238 20.88 -14.24 1.67
CA ILE A 238 19.85 -13.27 1.30
C ILE A 238 18.97 -13.79 0.17
N THR A 239 19.61 -14.29 -0.89
CA THR A 239 18.89 -14.77 -2.07
C THR A 239 18.00 -15.97 -1.74
N MET A 240 18.31 -16.64 -0.63
CA MET A 240 17.56 -17.81 -0.22
C MET A 240 17.09 -17.72 1.22
N HIS A 241 15.93 -18.30 1.50
CA HIS A 241 15.44 -18.42 2.86
C HIS A 241 16.40 -19.30 3.64
N SER A 242 17.30 -18.67 4.39
CA SER A 242 18.23 -19.40 5.22
C SER A 242 17.75 -19.45 6.67
N PHE A 243 17.92 -20.60 7.30
CA PHE A 243 17.48 -20.81 8.67
C PHE A 243 18.18 -22.03 9.26
N ASN A 244 18.09 -22.21 10.58
CA ASN A 244 18.74 -23.33 11.23
C ASN A 244 17.75 -24.33 11.82
N CYS A 245 17.83 -25.57 11.36
CA CYS A 245 16.95 -26.63 11.85
C CYS A 245 17.77 -27.78 12.46
N ARG A 246 17.52 -28.06 13.74
CA ARG A 246 18.21 -29.12 14.49
C ARG A 246 19.73 -28.96 14.50
N GLY A 247 20.21 -27.73 14.38
CA GLY A 247 21.64 -27.47 14.34
C GLY A 247 22.15 -27.31 12.92
N GLU A 248 21.35 -27.75 11.95
CA GLU A 248 21.76 -27.73 10.56
C GLU A 248 21.28 -26.46 9.84
N PHE A 249 22.17 -25.86 9.05
CA PHE A 249 21.85 -24.66 8.30
C PHE A 249 21.18 -25.01 6.97
N PHE A 250 19.94 -24.59 6.81
CA PHE A 250 19.18 -24.84 5.59
C PHE A 250 19.10 -23.58 4.73
N TYR A 251 19.37 -23.74 3.44
CA TYR A 251 19.22 -22.65 2.48
C TYR A 251 18.18 -23.08 1.45
N CYS A 252 17.01 -22.44 1.48
CA CYS A 252 15.91 -22.86 0.62
C CYS A 252 15.59 -21.86 -0.49
N ASN A 253 15.36 -22.37 -1.70
CA ASN A 253 14.99 -21.56 -2.85
C ASN A 253 13.53 -21.19 -2.78
N THR A 254 13.25 -19.89 -2.78
CA THR A 254 11.89 -19.40 -2.59
C THR A 254 11.29 -18.76 -3.83
N THR A 255 11.78 -19.15 -5.01
CA THR A 255 11.26 -18.65 -6.27
C THR A 255 9.78 -18.95 -6.42
N GLN A 256 9.39 -20.18 -6.07
CA GLN A 256 8.00 -20.60 -6.17
C GLN A 256 7.08 -19.80 -5.25
N LEU A 257 7.62 -19.28 -4.15
CA LEU A 257 6.84 -18.49 -3.22
C LEU A 257 6.56 -17.08 -3.76
N PHE A 258 7.60 -16.43 -4.25
CA PHE A 258 7.49 -15.02 -4.67
C PHE A 258 7.51 -14.88 -6.19
N ASN A 259 6.45 -15.33 -6.81
CA ASN A 259 6.32 -15.27 -8.27
C ASN A 259 4.85 -15.15 -8.62
N ASN A 260 4.40 -13.93 -8.91
CA ASN A 260 2.98 -13.64 -9.08
C ASN A 260 2.26 -14.40 -10.19
N THR A 261 2.41 -15.71 -10.21
CA THR A 261 1.72 -16.55 -11.18
C THR A 261 0.36 -16.98 -10.64
N CYS A 262 0.33 -17.33 -9.35
CA CYS A 262 -0.89 -17.81 -8.72
C CYS A 262 -1.50 -16.79 -7.76
N ILE A 263 -1.90 -15.64 -8.30
CA ILE A 263 -2.65 -14.65 -7.52
C ILE A 263 -3.92 -14.22 -8.24
N ASN A 272 -2.12 -23.64 -5.87
CA ASN A 272 -3.17 -24.57 -5.45
C ASN A 272 -2.63 -25.77 -4.68
N GLY A 273 -1.76 -26.55 -5.33
CA GLY A 273 -1.20 -27.74 -4.72
C GLY A 273 -0.06 -27.45 -3.76
N THR A 274 0.57 -28.51 -3.27
CA THR A 274 1.70 -28.38 -2.36
C THR A 274 2.92 -27.79 -3.05
N ILE A 275 3.50 -26.75 -2.46
CA ILE A 275 4.70 -26.12 -3.00
C ILE A 275 5.93 -26.76 -2.37
N THR A 276 6.75 -27.41 -3.19
CA THR A 276 7.96 -28.06 -2.71
C THR A 276 9.19 -27.24 -3.08
N LEU A 277 9.73 -26.52 -2.10
CA LEU A 277 10.93 -25.71 -2.30
C LEU A 277 12.18 -26.57 -2.22
N PRO A 278 13.08 -26.44 -3.22
CA PRO A 278 14.35 -27.16 -3.14
C PRO A 278 15.32 -26.48 -2.17
N CYS A 279 15.83 -27.24 -1.20
CA CYS A 279 16.75 -26.71 -0.22
C CYS A 279 18.05 -27.50 -0.23
N LYS A 280 19.08 -26.95 0.39
CA LYS A 280 20.28 -27.70 0.67
C LYS A 280 20.90 -27.28 1.99
N ILE A 281 21.37 -28.26 2.76
CA ILE A 281 22.07 -27.99 4.00
C ILE A 281 23.50 -27.55 3.69
N LYS A 282 23.86 -26.35 4.11
CA LYS A 282 25.20 -25.85 3.86
C LYS A 282 26.09 -25.96 5.10
N GLN A 283 27.34 -26.35 4.88
CA GLN A 283 28.33 -26.41 5.95
C GLN A 283 29.10 -25.10 6.04
N ILE A 284 29.31 -24.47 4.90
CA ILE A 284 30.04 -23.21 4.85
C ILE A 284 29.08 -22.02 4.77
N ILE A 285 29.14 -21.15 5.76
CA ILE A 285 28.15 -20.10 5.94
C ILE A 285 28.79 -18.74 6.19
N ASN A 286 28.24 -17.70 5.56
CA ASN A 286 28.54 -16.33 5.95
C ASN A 286 27.80 -16.04 7.26
N MET A 287 28.55 -15.70 8.30
CA MET A 287 27.98 -15.55 9.63
C MET A 287 27.09 -14.31 9.74
N TRP A 288 25.91 -14.49 10.31
CA TRP A 288 24.99 -13.38 10.54
C TRP A 288 25.53 -12.41 11.59
N GLN A 289 26.51 -12.87 12.37
CA GLN A 289 27.15 -12.04 13.37
C GLN A 289 28.00 -10.95 12.71
N GLY A 290 28.32 -11.15 11.43
CA GLY A 290 29.09 -10.18 10.68
C GLY A 290 30.59 -10.32 10.84
N THR A 291 31.01 -11.40 11.48
CA THR A 291 32.44 -11.67 11.66
C THR A 291 33.10 -11.99 10.33
N GLY A 292 32.75 -13.14 9.75
CA GLY A 292 33.30 -13.57 8.48
C GLY A 292 32.61 -14.81 7.94
N GLN A 293 33.39 -15.85 7.67
CA GLN A 293 32.84 -17.10 7.18
C GLN A 293 33.16 -18.24 8.15
N ALA A 294 32.31 -19.26 8.16
CA ALA A 294 32.47 -20.38 9.07
C ALA A 294 32.09 -21.71 8.41
N MET A 295 32.87 -22.75 8.69
CA MET A 295 32.56 -24.08 8.21
C MET A 295 32.13 -25.02 9.34
N TYR A 296 30.98 -25.65 9.17
CA TYR A 296 30.45 -26.57 10.15
C TYR A 296 30.55 -28.01 9.68
N ALA A 297 30.34 -28.95 10.60
CA ALA A 297 30.39 -30.36 10.28
C ALA A 297 29.24 -30.75 9.36
N PRO A 298 29.41 -31.84 8.59
CA PRO A 298 28.37 -32.38 7.71
C PRO A 298 27.12 -32.78 8.49
N PRO A 299 25.96 -32.87 7.82
CA PRO A 299 24.67 -33.21 8.45
C PRO A 299 24.70 -34.54 9.20
N ILE A 300 23.92 -34.62 10.27
CA ILE A 300 23.74 -35.88 10.99
C ILE A 300 22.86 -36.79 10.13
N ASP A 301 22.90 -38.09 10.41
CA ASP A 301 22.06 -39.04 9.67
C ASP A 301 20.64 -39.05 10.22
N GLY A 302 19.72 -39.56 9.42
CA GLY A 302 18.32 -39.64 9.81
C GLY A 302 17.47 -38.52 9.27
N LYS A 303 16.17 -38.61 9.53
CA LYS A 303 15.22 -37.63 9.05
C LYS A 303 15.33 -36.32 9.84
N ILE A 304 15.98 -35.32 9.23
CA ILE A 304 16.11 -34.01 9.85
C ILE A 304 14.91 -33.15 9.47
N ASN A 305 14.00 -32.95 10.42
CA ASN A 305 12.71 -32.32 10.14
C ASN A 305 12.36 -31.16 11.07
N CYS A 306 11.94 -30.04 10.47
CA CYS A 306 11.47 -28.89 11.22
C CYS A 306 10.24 -28.26 10.59
N VAL A 307 9.12 -28.34 11.30
CA VAL A 307 7.87 -27.71 10.88
C VAL A 307 7.74 -26.37 11.60
N SER A 308 7.66 -25.28 10.83
CA SER A 308 7.62 -23.95 11.42
C SER A 308 6.44 -23.12 10.95
N ASN A 309 5.99 -22.20 11.80
CA ASN A 309 5.00 -21.20 11.40
C ASN A 309 5.69 -20.03 10.72
N ILE A 310 5.33 -19.77 9.46
CA ILE A 310 5.72 -18.52 8.84
C ILE A 310 4.80 -17.45 9.42
N THR A 311 5.38 -16.50 10.15
CA THR A 311 4.59 -15.49 10.85
C THR A 311 4.98 -14.09 10.40
N GLY A 312 5.80 -14.00 9.36
CA GLY A 312 6.26 -12.72 8.86
C GLY A 312 7.14 -12.85 7.64
N ILE A 313 7.23 -11.77 6.87
CA ILE A 313 8.10 -11.73 5.69
C ILE A 313 9.00 -10.51 5.74
N LEU A 314 10.26 -10.68 5.38
CA LEU A 314 11.20 -9.58 5.25
C LEU A 314 11.33 -9.20 3.78
N LEU A 315 10.89 -7.99 3.45
CA LEU A 315 10.89 -7.56 2.06
C LEU A 315 11.83 -6.40 1.81
N THR A 316 12.34 -6.33 0.58
CA THR A 316 13.11 -5.18 0.11
C THR A 316 12.45 -4.69 -1.18
N ARG A 317 12.26 -3.38 -1.26
CA ARG A 317 11.56 -2.78 -2.39
C ARG A 317 12.52 -2.27 -3.46
N ASP A 318 12.21 -2.57 -4.71
CA ASP A 318 13.01 -2.08 -5.83
C ASP A 318 12.88 -0.58 -6.00
N GLY A 319 14.01 0.10 -6.16
CA GLY A 319 14.01 1.53 -6.44
C GLY A 319 13.89 1.78 -7.93
N GLY A 320 13.73 3.06 -8.30
CA GLY A 320 13.66 3.45 -9.69
C GLY A 320 12.30 3.21 -10.33
N ALA A 321 11.26 3.06 -9.51
CA ALA A 321 9.93 2.75 -9.99
C ALA A 321 8.96 3.93 -9.90
N ASN A 322 9.46 5.08 -9.44
CA ASN A 322 8.63 6.26 -9.22
C ASN A 322 7.81 6.71 -10.44
N ASN A 323 8.31 6.41 -11.64
CA ASN A 323 7.62 6.80 -12.86
C ASN A 323 6.80 5.68 -13.50
N THR A 324 6.66 4.58 -12.77
CA THR A 324 5.83 3.47 -13.24
C THR A 324 4.70 3.21 -12.26
N SER A 325 3.76 2.36 -12.65
CA SER A 325 2.64 2.01 -11.79
C SER A 325 2.98 0.79 -10.93
N ASN A 326 4.13 0.18 -11.20
CA ASN A 326 4.55 -0.99 -10.44
C ASN A 326 5.46 -0.65 -9.28
N GLU A 327 5.32 -1.42 -8.20
CA GLU A 327 6.29 -1.42 -7.12
C GLU A 327 6.71 -2.86 -6.92
N THR A 328 8.01 -3.13 -7.00
CA THR A 328 8.51 -4.50 -6.94
C THR A 328 9.15 -4.85 -5.59
N PHE A 329 8.64 -5.91 -4.98
CA PHE A 329 9.11 -6.34 -3.67
C PHE A 329 9.80 -7.71 -3.75
N ARG A 330 10.99 -7.79 -3.16
CA ARG A 330 11.76 -9.03 -3.15
C ARG A 330 12.06 -9.44 -1.71
N PRO A 331 12.02 -10.75 -1.43
CA PRO A 331 12.31 -11.24 -0.07
C PRO A 331 13.74 -10.89 0.33
N GLY A 332 13.93 -10.42 1.56
CA GLY A 332 15.22 -9.92 1.99
C GLY A 332 15.66 -10.39 3.36
N GLY A 333 16.42 -9.55 4.06
CA GLY A 333 16.93 -9.88 5.37
C GLY A 333 18.43 -9.70 5.45
N GLY A 334 19.05 -10.35 6.43
CA GLY A 334 20.48 -10.23 6.64
C GLY A 334 20.79 -9.57 7.96
N ASN A 335 19.97 -8.56 8.32
CA ASN A 335 20.11 -7.90 9.60
C ASN A 335 19.18 -8.56 10.63
N ILE A 336 19.74 -9.47 11.39
CA ILE A 336 19.00 -10.28 12.35
C ILE A 336 18.33 -9.43 13.43
N LYS A 337 18.80 -8.19 13.61
CA LYS A 337 18.14 -7.26 14.50
C LYS A 337 16.69 -7.02 14.08
N ASP A 338 16.43 -7.10 12.78
CA ASP A 338 15.07 -6.96 12.27
C ASP A 338 14.18 -8.08 12.79
N ASN A 339 14.76 -9.27 12.96
CA ASN A 339 14.03 -10.39 13.51
C ASN A 339 13.57 -10.11 14.95
N TRP A 340 14.43 -9.46 15.72
CA TRP A 340 14.07 -9.11 17.10
C TRP A 340 13.11 -7.92 17.15
N ARG A 341 13.19 -7.04 16.15
CA ARG A 341 12.29 -5.91 16.09
C ARG A 341 10.86 -6.37 15.86
N SER A 342 10.68 -7.44 15.11
CA SER A 342 9.35 -7.93 14.77
C SER A 342 8.60 -8.44 16.00
N GLU A 343 9.33 -8.65 17.09
CA GLU A 343 8.74 -9.12 18.33
C GLU A 343 8.84 -8.08 19.45
N LEU A 344 9.76 -7.14 19.30
CA LEU A 344 10.01 -6.13 20.34
C LEU A 344 9.39 -4.76 20.03
N TYR A 345 8.63 -4.67 18.94
CA TYR A 345 8.11 -3.39 18.47
C TYR A 345 7.18 -2.69 19.47
N LYS A 346 6.44 -3.46 20.25
CA LYS A 346 5.46 -2.89 21.17
C LYS A 346 6.04 -2.52 22.54
N TYR A 347 7.36 -2.61 22.68
CA TYR A 347 7.98 -2.38 23.98
C TYR A 347 8.99 -1.25 23.95
N LYS A 348 9.05 -0.50 25.06
CA LYS A 348 10.14 0.43 25.29
C LYS A 348 10.39 0.55 26.79
N VAL A 349 11.64 0.84 27.16
CA VAL A 349 12.00 0.96 28.57
C VAL A 349 11.92 2.41 29.02
N VAL A 350 11.27 2.64 30.15
CA VAL A 350 11.28 3.96 30.78
C VAL A 350 11.83 3.87 32.20
N GLN A 351 12.33 4.99 32.70
CA GLN A 351 12.84 5.07 34.07
C GLN A 351 11.82 5.73 34.98
N ILE A 352 11.51 5.07 36.10
CA ILE A 352 10.56 5.62 37.06
C ILE A 352 11.23 6.59 38.02
N GLU A 353 10.57 7.72 38.28
CA GLU A 353 11.10 8.75 39.17
C GLU A 353 10.23 8.89 40.42
N VAL B 1 -32.85 17.80 14.16
CA VAL B 1 -33.31 18.92 13.33
C VAL B 1 -32.14 19.64 12.67
N TRP B 2 -32.17 19.70 11.35
CA TRP B 2 -31.09 20.31 10.59
C TRP B 2 -31.59 20.96 9.31
N LYS B 3 -30.80 21.87 8.77
CA LYS B 3 -31.11 22.52 7.50
C LYS B 3 -29.92 22.42 6.54
N ASP B 4 -30.21 22.39 5.25
CA ASP B 4 -29.16 22.39 4.24
C ASP B 4 -28.39 23.71 4.31
N ALA B 5 -27.07 23.63 4.28
CA ALA B 5 -26.24 24.82 4.41
C ALA B 5 -24.86 24.63 3.79
N ASP B 6 -24.22 25.75 3.48
CA ASP B 6 -22.85 25.74 2.96
C ASP B 6 -21.92 26.38 3.98
N THR B 7 -20.81 25.71 4.29
CA THR B 7 -19.85 26.25 5.24
C THR B 7 -18.42 25.94 4.81
N THR B 8 -17.46 26.38 5.62
CA THR B 8 -16.04 26.17 5.32
C THR B 8 -15.61 24.76 5.70
N LEU B 9 -15.32 23.95 4.69
CA LEU B 9 -14.85 22.58 4.89
C LEU B 9 -13.35 22.56 5.16
N PHE B 10 -12.91 21.55 5.89
CA PHE B 10 -11.47 21.28 5.99
C PHE B 10 -11.16 19.93 5.34
N CYS B 11 -9.90 19.69 5.04
CA CYS B 11 -9.50 18.46 4.37
C CYS B 11 -8.68 17.58 5.29
N ALA B 12 -8.72 16.27 5.04
CA ALA B 12 -7.94 15.30 5.80
C ALA B 12 -7.29 14.30 4.88
N SER B 13 -6.03 13.99 5.14
CA SER B 13 -5.28 13.07 4.29
C SER B 13 -4.21 12.32 5.09
N ASP B 14 -3.64 11.30 4.47
CA ASP B 14 -2.55 10.53 5.07
C ASP B 14 -1.23 10.86 4.38
N ALA B 15 -1.03 12.13 4.07
CA ALA B 15 0.19 12.59 3.41
C ALA B 15 1.41 12.40 4.30
N LYS B 16 2.58 12.31 3.68
CA LYS B 16 3.82 12.17 4.42
C LYS B 16 4.60 13.48 4.38
N ALA B 17 4.95 14.00 5.56
CA ALA B 17 5.51 15.33 5.68
C ALA B 17 7.01 15.42 5.43
N HIS B 18 7.51 14.63 4.49
CA HIS B 18 8.90 14.75 4.03
C HIS B 18 9.03 14.34 2.57
N GLU B 19 7.89 14.11 1.93
CA GLU B 19 7.83 13.82 0.50
C GLU B 19 8.03 15.10 -0.30
N THR B 20 8.61 14.97 -1.50
CA THR B 20 8.67 16.09 -2.43
C THR B 20 7.51 15.99 -3.42
N GLU B 21 6.82 14.86 -3.39
CA GLU B 21 5.63 14.66 -4.22
C GLU B 21 4.59 15.71 -3.84
N VAL B 22 4.11 16.43 -4.86
CA VAL B 22 3.38 17.68 -4.65
C VAL B 22 2.06 17.58 -3.88
N HIS B 23 1.31 16.50 -4.11
CA HIS B 23 0.06 16.30 -3.38
C HIS B 23 0.31 16.13 -1.89
N ASN B 24 1.35 15.35 -1.57
CA ASN B 24 1.76 15.16 -0.19
C ASN B 24 2.15 16.49 0.47
N VAL B 25 2.97 17.27 -0.23
CA VAL B 25 3.42 18.55 0.27
C VAL B 25 2.24 19.49 0.56
N TRP B 26 1.33 19.59 -0.39
CA TRP B 26 0.14 20.41 -0.23
C TRP B 26 -0.73 19.94 0.94
N ALA B 27 -1.07 18.66 0.96
CA ALA B 27 -1.92 18.10 1.99
C ALA B 27 -1.25 18.17 3.36
N THR B 28 0.08 18.17 3.35
CA THR B 28 0.85 18.33 4.59
C THR B 28 0.56 19.68 5.22
N HIS B 29 0.48 20.71 4.38
CA HIS B 29 0.31 22.08 4.85
C HIS B 29 -1.15 22.53 4.90
N ALA B 30 -2.04 21.74 4.31
CA ALA B 30 -3.43 22.17 4.17
C ALA B 30 -4.45 21.23 4.82
N CYS B 31 -4.02 20.03 5.18
CA CYS B 31 -4.93 19.04 5.73
C CYS B 31 -4.50 18.54 7.10
N VAL B 32 -5.42 17.86 7.77
CA VAL B 32 -5.16 17.23 9.06
C VAL B 32 -5.11 15.71 8.86
N PRO B 33 -4.56 14.97 9.84
CA PRO B 33 -4.59 13.51 9.74
C PRO B 33 -6.01 12.96 9.70
N THR B 34 -6.18 11.80 9.08
CA THR B 34 -7.49 11.17 8.96
C THR B 34 -7.92 10.49 10.26
N ASP B 35 -9.20 10.18 10.35
CA ASP B 35 -9.76 9.50 11.51
C ASP B 35 -9.73 8.00 11.29
N PRO B 36 -8.92 7.28 12.09
CA PRO B 36 -8.80 5.82 11.99
C PRO B 36 -10.11 5.10 12.29
N ASN B 37 -10.91 5.66 13.20
CA ASN B 37 -12.23 5.11 13.51
C ASN B 37 -13.34 6.15 13.32
N PRO B 38 -13.75 6.38 12.06
CA PRO B 38 -14.79 7.37 11.79
C PRO B 38 -16.19 6.86 12.11
N GLN B 39 -16.95 7.68 12.84
CA GLN B 39 -18.33 7.36 13.17
C GLN B 39 -19.22 7.50 11.94
N GLU B 40 -20.27 6.69 11.88
CA GLU B 40 -21.27 6.79 10.82
C GLU B 40 -22.63 6.37 11.36
N ILE B 41 -23.53 7.34 11.46
CA ILE B 41 -24.86 7.10 12.02
C ILE B 41 -25.90 7.01 10.91
N HIS B 42 -26.54 5.85 10.80
CA HIS B 42 -27.66 5.71 9.88
C HIS B 42 -28.88 6.41 10.46
N LEU B 43 -29.51 7.25 9.63
CA LEU B 43 -30.69 7.98 10.04
C LEU B 43 -31.95 7.21 9.66
N GLU B 44 -32.55 6.54 10.65
CA GLU B 44 -33.67 5.65 10.40
C GLU B 44 -34.90 6.35 9.85
N ASN B 45 -35.44 5.81 8.76
CA ASN B 45 -36.63 6.35 8.10
C ASN B 45 -36.53 7.83 7.77
N VAL B 46 -35.32 8.29 7.47
CA VAL B 46 -35.09 9.69 7.12
C VAL B 46 -34.86 9.85 5.63
N THR B 47 -35.67 10.69 4.99
CA THR B 47 -35.55 10.93 3.56
C THR B 47 -35.06 12.35 3.28
N GLU B 48 -33.87 12.44 2.69
CA GLU B 48 -33.25 13.73 2.39
C GLU B 48 -33.12 13.93 0.88
N ASN B 49 -33.28 15.19 0.46
CA ASN B 49 -33.15 15.54 -0.96
C ASN B 49 -31.71 15.94 -1.29
N PHE B 50 -31.22 15.43 -2.42
CA PHE B 50 -29.86 15.70 -2.85
C PHE B 50 -29.83 16.31 -4.25
N ASN B 51 -28.79 17.10 -4.51
CA ASN B 51 -28.57 17.66 -5.84
C ASN B 51 -27.09 17.80 -6.10
N MET B 52 -26.53 16.85 -6.86
CA MET B 52 -25.09 16.81 -7.12
C MET B 52 -24.64 17.99 -7.99
N TRP B 53 -25.55 18.55 -8.75
CA TRP B 53 -25.21 19.59 -9.71
C TRP B 53 -25.19 20.97 -9.09
N LYS B 54 -25.72 21.08 -7.87
CA LYS B 54 -25.68 22.34 -7.13
C LYS B 54 -25.16 22.09 -5.72
N ASN B 55 -23.91 21.65 -5.65
CA ASN B 55 -23.29 21.26 -4.39
C ASN B 55 -22.00 22.03 -4.15
N ASN B 56 -22.00 22.88 -3.13
CA ASN B 56 -20.86 23.75 -2.84
C ASN B 56 -19.57 22.99 -2.50
N MET B 57 -19.71 21.71 -2.16
CA MET B 57 -18.54 20.87 -1.88
C MET B 57 -17.66 20.75 -3.12
N VAL B 58 -18.29 20.82 -4.29
CA VAL B 58 -17.58 20.69 -5.55
C VAL B 58 -16.66 21.89 -5.81
N GLU B 59 -17.19 23.09 -5.62
CA GLU B 59 -16.40 24.30 -5.80
C GLU B 59 -15.21 24.29 -4.83
N GLN B 60 -15.47 23.99 -3.57
CA GLN B 60 -14.43 23.95 -2.56
C GLN B 60 -13.29 22.99 -2.91
N MET B 61 -13.64 21.78 -3.36
CA MET B 61 -12.61 20.86 -3.82
C MET B 61 -11.87 21.46 -5.00
N GLN B 62 -12.65 21.99 -5.95
CA GLN B 62 -12.09 22.66 -7.13
C GLN B 62 -11.11 23.75 -6.72
N GLU B 63 -11.49 24.55 -5.73
CA GLU B 63 -10.61 25.59 -5.20
C GLU B 63 -9.30 25.02 -4.67
N ASP B 64 -9.37 23.87 -4.01
CA ASP B 64 -8.17 23.18 -3.53
C ASP B 64 -7.27 22.71 -4.66
N VAL B 65 -7.85 22.00 -5.62
CA VAL B 65 -7.10 21.45 -6.72
C VAL B 65 -6.42 22.55 -7.53
N ILE B 66 -7.14 23.67 -7.69
CA ILE B 66 -6.57 24.84 -8.35
C ILE B 66 -5.40 25.36 -7.54
N SER B 67 -5.58 25.43 -6.22
CA SER B 67 -4.51 25.88 -5.34
C SER B 67 -3.31 24.97 -5.46
N LEU B 68 -3.57 23.67 -5.36
CA LEU B 68 -2.53 22.65 -5.51
C LEU B 68 -1.77 22.82 -6.83
N TRP B 69 -2.52 22.88 -7.93
CA TRP B 69 -1.90 23.02 -9.25
C TRP B 69 -1.13 24.34 -9.42
N ASP B 70 -1.67 25.43 -8.87
CA ASP B 70 -1.03 26.74 -9.00
C ASP B 70 0.31 26.80 -8.25
N GLN B 71 0.42 26.03 -7.17
CA GLN B 71 1.63 26.04 -6.36
C GLN B 71 2.70 25.08 -6.88
N SER B 72 2.27 24.05 -7.61
CA SER B 72 3.16 22.95 -7.92
C SER B 72 3.46 22.74 -9.42
N LEU B 73 2.54 23.11 -10.28
CA LEU B 73 2.72 22.88 -11.72
C LEU B 73 3.00 24.16 -12.50
N GLN B 74 4.08 24.84 -12.13
CA GLN B 74 4.50 26.06 -12.80
C GLN B 74 5.36 25.75 -14.02
N PRO B 75 4.94 26.27 -15.19
CA PRO B 75 5.68 26.12 -16.45
C PRO B 75 6.81 27.13 -16.56
N CYS B 76 7.47 27.16 -17.71
CA CYS B 76 8.51 28.16 -17.97
C CYS B 76 7.93 29.33 -18.76
N VAL B 77 6.77 29.11 -19.37
CA VAL B 77 6.07 30.15 -20.12
C VAL B 77 4.56 30.04 -19.87
N LYS B 78 3.96 31.13 -19.39
CA LYS B 78 2.52 31.16 -19.14
C LYS B 78 1.86 32.24 -19.98
N LEU B 79 0.85 31.86 -20.76
CA LEU B 79 0.28 32.80 -21.72
C LEU B 79 -1.22 33.06 -21.52
N THR B 80 -1.54 34.01 -20.64
CA THR B 80 -2.92 34.43 -20.43
C THR B 80 -3.01 35.81 -19.82
N GLY B 81 -4.18 36.44 -19.93
CA GLY B 81 -4.38 37.78 -19.43
C GLY B 81 -3.71 38.82 -20.32
N GLY B 82 -3.10 38.36 -21.41
CA GLY B 82 -2.42 39.23 -22.34
C GLY B 82 -0.93 39.35 -22.07
N SER B 83 -0.54 39.14 -20.82
CA SER B 83 0.85 39.29 -20.42
C SER B 83 1.61 37.97 -20.46
N VAL B 84 2.88 38.04 -20.87
CA VAL B 84 3.75 36.87 -20.93
C VAL B 84 4.69 36.84 -19.73
N ILE B 85 4.70 35.71 -19.03
CA ILE B 85 5.52 35.55 -17.85
C ILE B 85 6.49 34.37 -18.04
N LYS B 86 7.77 34.59 -17.76
CA LYS B 86 8.77 33.53 -17.87
C LYS B 86 9.26 33.01 -16.51
N GLN B 87 8.61 31.96 -16.04
CA GLN B 87 8.97 31.31 -14.78
C GLN B 87 10.01 30.23 -15.06
N ALA B 88 10.46 29.54 -14.01
CA ALA B 88 11.31 28.38 -14.16
C ALA B 88 10.45 27.11 -14.08
N CYS B 89 10.75 26.11 -14.90
CA CYS B 89 9.94 24.90 -14.94
C CYS B 89 10.72 23.62 -14.63
N PRO B 90 10.99 23.37 -13.35
CA PRO B 90 11.68 22.14 -12.94
C PRO B 90 10.74 20.93 -12.98
N LYS B 91 11.30 19.74 -13.15
CA LYS B 91 10.51 18.52 -13.14
C LYS B 91 10.04 18.21 -11.72
N ILE B 92 8.80 17.73 -11.60
CA ILE B 92 8.21 17.51 -10.29
C ILE B 92 7.81 16.06 -10.07
N SER B 93 7.58 15.71 -8.81
CA SER B 93 7.07 14.40 -8.45
C SER B 93 5.56 14.49 -8.30
N PHE B 94 4.84 13.75 -9.14
CA PHE B 94 3.40 13.94 -9.26
C PHE B 94 2.60 12.64 -9.21
N ASP B 95 1.82 12.47 -8.15
CA ASP B 95 0.92 11.33 -8.01
C ASP B 95 -0.15 11.63 -6.96
N PRO B 96 -1.40 11.81 -7.41
CA PRO B 96 -2.54 12.17 -6.55
C PRO B 96 -2.78 11.20 -5.40
N ILE B 97 -2.95 11.74 -4.19
CA ILE B 97 -3.33 10.93 -3.04
C ILE B 97 -4.76 11.24 -2.64
N PRO B 98 -5.42 10.33 -1.92
CA PRO B 98 -6.82 10.56 -1.51
C PRO B 98 -7.00 11.75 -0.58
N ILE B 99 -8.00 12.58 -0.85
CA ILE B 99 -8.36 13.70 0.02
C ILE B 99 -9.76 13.48 0.58
N HIS B 100 -9.89 13.62 1.90
CA HIS B 100 -11.19 13.53 2.55
C HIS B 100 -11.70 14.93 2.83
N TYR B 101 -12.97 15.18 2.53
CA TYR B 101 -13.57 16.47 2.85
C TYR B 101 -14.50 16.38 4.06
N CYS B 102 -14.33 17.29 5.00
CA CYS B 102 -14.96 17.18 6.30
C CYS B 102 -15.58 18.49 6.78
N THR B 103 -16.55 18.37 7.68
CA THR B 103 -17.24 19.52 8.25
C THR B 103 -16.76 19.79 9.67
N PRO B 104 -16.77 21.07 10.08
CA PRO B 104 -16.40 21.45 11.45
C PRO B 104 -17.56 21.28 12.43
N ALA B 105 -17.41 21.81 13.64
CA ALA B 105 -18.43 21.68 14.67
C ALA B 105 -19.69 22.47 14.28
N GLY B 106 -20.84 21.86 14.51
CA GLY B 106 -22.11 22.49 14.19
C GLY B 106 -22.63 22.06 12.83
N TYR B 107 -21.81 21.30 12.11
CA TYR B 107 -22.18 20.82 10.77
C TYR B 107 -21.89 19.33 10.65
N VAL B 108 -22.58 18.68 9.72
CA VAL B 108 -22.44 17.25 9.49
C VAL B 108 -22.69 16.94 8.01
N ILE B 109 -21.95 16.00 7.44
CA ILE B 109 -22.18 15.56 6.07
C ILE B 109 -23.16 14.41 5.99
N LEU B 110 -24.28 14.62 5.31
CA LEU B 110 -25.22 13.53 5.05
C LEU B 110 -24.77 12.75 3.82
N LYS B 111 -25.02 11.45 3.83
CA LYS B 111 -24.56 10.58 2.74
C LYS B 111 -25.66 9.64 2.26
N CYS B 112 -26.11 9.86 1.03
CA CYS B 112 -27.12 8.99 0.43
C CYS B 112 -26.50 7.63 0.11
N ASN B 113 -27.15 6.56 0.58
CA ASN B 113 -26.60 5.22 0.40
C ASN B 113 -27.39 4.36 -0.58
N ASP B 114 -28.31 4.97 -1.31
CA ASP B 114 -29.09 4.28 -2.32
C ASP B 114 -28.17 3.66 -3.38
N LYS B 115 -28.24 2.34 -3.50
CA LYS B 115 -27.35 1.60 -4.41
C LYS B 115 -27.49 2.04 -5.86
N ASN B 116 -28.67 2.55 -6.23
CA ASN B 116 -28.91 3.08 -7.57
C ASN B 116 -29.30 4.55 -7.57
N PHE B 117 -28.60 5.34 -6.77
CA PHE B 117 -28.88 6.77 -6.65
C PHE B 117 -28.43 7.56 -7.88
N ASN B 118 -29.34 8.31 -8.49
CA ASN B 118 -29.05 9.02 -9.73
C ASN B 118 -28.32 10.35 -9.57
N GLY B 119 -28.20 10.81 -8.33
CA GLY B 119 -27.49 12.05 -8.06
C GLY B 119 -28.39 13.25 -7.79
N THR B 120 -29.64 13.16 -8.24
CA THR B 120 -30.58 14.26 -8.06
C THR B 120 -31.86 13.76 -7.40
N GLY B 121 -32.30 14.45 -6.36
CA GLY B 121 -33.56 14.09 -5.71
C GLY B 121 -33.36 13.32 -4.42
N PRO B 122 -34.46 12.82 -3.84
CA PRO B 122 -34.51 12.14 -2.54
C PRO B 122 -33.72 10.84 -2.44
N CYS B 123 -33.27 10.54 -1.23
CA CYS B 123 -32.58 9.30 -0.91
C CYS B 123 -33.27 8.70 0.32
N LYS B 124 -33.36 7.38 0.37
CA LYS B 124 -34.10 6.72 1.45
C LYS B 124 -33.21 6.22 2.59
N ASN B 125 -32.03 5.70 2.24
CA ASN B 125 -31.05 5.32 3.24
C ASN B 125 -29.99 6.40 3.40
N VAL B 126 -30.12 7.21 4.43
CA VAL B 126 -29.22 8.33 4.66
C VAL B 126 -28.41 8.15 5.94
N SER B 127 -27.09 8.25 5.81
CA SER B 127 -26.20 8.15 6.97
C SER B 127 -25.62 9.51 7.32
N SER B 128 -24.83 9.57 8.40
CA SER B 128 -24.29 10.83 8.89
C SER B 128 -22.81 10.70 9.22
N VAL B 129 -21.96 11.38 8.45
CA VAL B 129 -20.52 11.27 8.61
C VAL B 129 -19.85 12.63 8.81
N GLN B 130 -18.66 12.62 9.41
CA GLN B 130 -17.88 13.84 9.60
C GLN B 130 -17.11 14.17 8.33
N CYS B 131 -16.64 13.12 7.64
CA CYS B 131 -15.81 13.29 6.46
C CYS B 131 -16.31 12.43 5.30
N THR B 132 -15.98 12.84 4.08
CA THR B 132 -16.24 12.03 2.90
C THR B 132 -15.21 10.91 2.80
N HIS B 133 -15.34 10.08 1.77
CA HIS B 133 -14.35 9.05 1.50
C HIS B 133 -13.13 9.70 0.84
N GLY B 134 -12.02 8.97 0.81
CA GLY B 134 -10.81 9.47 0.18
C GLY B 134 -11.00 9.68 -1.31
N ILE B 135 -10.77 10.91 -1.77
CA ILE B 135 -10.95 11.24 -3.18
C ILE B 135 -9.66 11.77 -3.81
N LYS B 136 -9.17 11.05 -4.81
CA LYS B 136 -7.97 11.47 -5.53
C LYS B 136 -8.31 12.56 -6.53
N PRO B 137 -7.60 13.71 -6.41
CA PRO B 137 -7.87 14.87 -7.26
C PRO B 137 -7.39 14.66 -8.70
N VAL B 138 -7.90 13.62 -9.35
CA VAL B 138 -7.43 13.24 -10.68
C VAL B 138 -8.04 14.10 -11.77
N VAL B 139 -7.21 14.93 -12.39
CA VAL B 139 -7.66 15.84 -13.45
C VAL B 139 -7.55 15.19 -14.82
N SER B 140 -8.69 14.96 -15.46
CA SER B 140 -8.71 14.37 -16.79
C SER B 140 -9.95 14.77 -17.58
N THR B 141 -9.97 14.44 -18.86
CA THR B 141 -11.14 14.68 -19.69
C THR B 141 -11.63 13.38 -20.33
N GLN B 142 -12.85 13.40 -20.84
CA GLN B 142 -13.46 12.24 -21.49
C GLN B 142 -13.63 11.05 -20.55
N LEU B 143 -12.51 10.51 -20.08
CA LEU B 143 -12.53 9.35 -19.19
C LEU B 143 -12.21 9.72 -17.74
N LEU B 144 -12.93 9.11 -16.80
CA LEU B 144 -12.67 9.31 -15.38
C LEU B 144 -11.76 8.21 -14.85
N LEU B 145 -10.67 8.62 -14.21
CA LEU B 145 -9.62 7.69 -13.82
C LEU B 145 -9.44 7.55 -12.32
N ASN B 146 -9.22 6.32 -11.86
CA ASN B 146 -8.97 6.00 -10.46
C ASN B 146 -10.05 6.50 -9.50
N GLY B 147 -11.29 6.54 -9.97
CA GLY B 147 -12.39 7.01 -9.16
C GLY B 147 -13.09 5.88 -8.42
N SER B 148 -14.39 6.05 -8.20
CA SER B 148 -15.19 5.03 -7.52
C SER B 148 -16.20 4.41 -8.49
N LEU B 149 -16.58 3.16 -8.24
CA LEU B 149 -17.53 2.47 -9.08
C LEU B 149 -18.91 2.47 -8.45
N ALA B 150 -19.95 2.34 -9.28
CA ALA B 150 -21.31 2.21 -8.79
C ALA B 150 -21.48 0.84 -8.14
N GLU B 151 -22.21 0.80 -7.02
CA GLU B 151 -22.38 -0.43 -6.26
C GLU B 151 -23.10 -1.52 -7.05
N GLU B 152 -24.15 -1.14 -7.77
CA GLU B 152 -24.95 -2.11 -8.51
C GLU B 152 -24.86 -1.93 -10.02
N GLU B 153 -25.83 -1.23 -10.60
CA GLU B 153 -25.86 -1.05 -12.05
C GLU B 153 -25.13 0.23 -12.47
N ILE B 154 -24.79 0.29 -13.75
CA ILE B 154 -24.21 1.49 -14.33
C ILE B 154 -25.21 2.65 -14.21
N ILE B 155 -24.75 3.80 -13.72
CA ILE B 155 -25.65 4.91 -13.46
C ILE B 155 -25.38 6.10 -14.37
N ILE B 156 -26.45 6.63 -14.96
CA ILE B 156 -26.37 7.81 -15.81
C ILE B 156 -26.73 9.05 -15.01
N ARG B 157 -25.83 10.03 -14.98
CA ARG B 157 -26.03 11.23 -14.19
C ARG B 157 -26.08 12.49 -15.06
N SER B 158 -27.13 13.29 -14.87
CA SER B 158 -27.30 14.52 -15.62
C SER B 158 -28.24 15.46 -14.88
N GLU B 159 -28.02 16.76 -15.04
CA GLU B 159 -28.91 17.76 -14.45
C GLU B 159 -30.22 17.79 -15.22
N ASN B 160 -30.15 17.36 -16.47
CA ASN B 160 -31.31 17.31 -17.36
C ASN B 160 -30.95 16.50 -18.61
N LEU B 161 -31.37 15.25 -18.63
CA LEU B 161 -31.03 14.34 -19.73
C LEU B 161 -31.57 14.80 -21.08
N THR B 162 -32.72 15.46 -21.07
CA THR B 162 -33.31 15.96 -22.30
C THR B 162 -32.67 17.28 -22.74
N ASN B 163 -31.84 17.85 -21.86
CA ASN B 163 -31.12 19.07 -22.18
C ASN B 163 -29.81 18.74 -22.89
N ASN B 164 -29.76 19.04 -24.19
CA ASN B 164 -28.65 18.65 -25.03
C ASN B 164 -27.31 19.29 -24.64
N ALA B 165 -27.37 20.34 -23.84
CA ALA B 165 -26.17 21.08 -23.46
C ALA B 165 -25.60 20.63 -22.12
N LYS B 166 -26.39 19.88 -21.36
CA LYS B 166 -25.97 19.43 -20.04
C LYS B 166 -25.12 18.17 -20.13
N THR B 167 -23.94 18.22 -19.52
CA THR B 167 -23.00 17.10 -19.55
C THR B 167 -23.59 15.86 -18.89
N ILE B 168 -23.08 14.70 -19.29
CA ILE B 168 -23.57 13.43 -18.76
C ILE B 168 -22.44 12.62 -18.14
N ILE B 169 -22.56 12.34 -16.85
CA ILE B 169 -21.56 11.55 -16.14
C ILE B 169 -21.98 10.09 -16.09
N VAL B 170 -21.22 9.23 -16.76
CA VAL B 170 -21.49 7.80 -16.71
C VAL B 170 -20.69 7.17 -15.57
N HIS B 171 -21.40 6.60 -14.61
CA HIS B 171 -20.74 5.92 -13.50
C HIS B 171 -20.73 4.42 -13.79
N LEU B 172 -19.54 3.88 -14.00
CA LEU B 172 -19.39 2.46 -14.33
C LEU B 172 -19.48 1.58 -13.10
N ASN B 173 -19.90 0.34 -13.28
CA ASN B 173 -19.95 -0.62 -12.19
C ASN B 173 -18.84 -1.67 -12.29
N LYS B 174 -17.96 -1.49 -13.27
CA LYS B 174 -16.81 -2.36 -13.44
C LYS B 174 -15.65 -1.61 -14.09
N SER B 175 -14.50 -1.63 -13.44
CA SER B 175 -13.32 -0.92 -13.93
C SER B 175 -12.71 -1.56 -15.17
N VAL B 176 -12.27 -0.71 -16.10
CA VAL B 176 -11.51 -1.14 -17.26
C VAL B 176 -10.16 -0.47 -17.22
N GLU B 177 -9.09 -1.26 -17.17
CA GLU B 177 -7.74 -0.72 -17.08
C GLU B 177 -7.32 -0.01 -18.37
N ILE B 178 -6.55 1.06 -18.21
CA ILE B 178 -5.90 1.71 -19.34
C ILE B 178 -4.41 1.88 -19.05
N ASN B 179 -3.59 1.27 -19.90
CA ASN B 179 -2.15 1.17 -19.65
C ASN B 179 -1.35 2.09 -20.58
N CYS B 180 -1.07 3.29 -20.10
CA CYS B 180 -0.41 4.31 -20.92
C CYS B 180 1.08 4.37 -20.66
N THR B 181 1.86 4.43 -21.73
CA THR B 181 3.31 4.31 -21.64
C THR B 181 4.05 5.20 -22.62
N ARG B 182 5.04 5.92 -22.12
CA ARG B 182 6.05 6.53 -22.96
C ARG B 182 7.31 5.69 -22.77
N PRO B 183 7.56 4.75 -23.70
CA PRO B 183 8.67 3.80 -23.59
C PRO B 183 10.01 4.51 -23.48
N SER B 184 10.95 3.90 -22.77
CA SER B 184 12.27 4.49 -22.60
C SER B 184 12.95 4.70 -23.95
N ASN B 185 12.77 3.74 -24.85
CA ASN B 185 13.29 3.84 -26.21
C ASN B 185 12.53 2.96 -27.19
N GLY B 192 13.31 7.20 -31.78
CA GLY B 192 11.98 7.56 -32.19
C GLY B 192 11.56 8.94 -31.71
N ASP B 193 10.28 9.08 -31.41
CA ASP B 193 9.73 10.36 -30.96
C ASP B 193 9.52 10.37 -29.43
N ILE B 194 10.18 11.30 -28.76
CA ILE B 194 10.12 11.37 -27.29
C ILE B 194 8.76 11.82 -26.76
N ARG B 195 7.90 12.33 -27.64
CA ARG B 195 6.57 12.77 -27.22
C ARG B 195 5.52 11.73 -27.56
N LYS B 196 5.87 10.80 -28.44
CA LYS B 196 4.96 9.73 -28.81
C LYS B 196 4.77 8.73 -27.68
N ALA B 197 3.51 8.52 -27.30
CA ALA B 197 3.16 7.51 -26.30
C ALA B 197 1.89 6.78 -26.75
N TYR B 198 1.43 5.83 -25.93
CA TYR B 198 0.27 5.04 -26.30
C TYR B 198 -0.46 4.50 -25.07
N CYS B 199 -1.73 4.15 -25.26
CA CYS B 199 -2.54 3.58 -24.20
C CYS B 199 -3.21 2.29 -24.66
N GLU B 200 -2.84 1.18 -24.02
CA GLU B 200 -3.43 -0.11 -24.36
C GLU B 200 -4.61 -0.43 -23.46
N ILE B 201 -5.64 -1.03 -24.05
CA ILE B 201 -6.87 -1.38 -23.34
C ILE B 201 -7.37 -2.74 -23.79
N ASN B 202 -7.89 -3.54 -22.85
CA ASN B 202 -8.50 -4.81 -23.19
C ASN B 202 -9.80 -4.57 -23.97
N GLY B 203 -9.75 -4.84 -25.27
CA GLY B 203 -10.88 -4.59 -26.15
C GLY B 203 -12.11 -5.42 -25.82
N THR B 204 -11.90 -6.56 -25.17
CA THR B 204 -13.00 -7.43 -24.80
C THR B 204 -13.80 -6.80 -23.66
N LYS B 205 -13.10 -6.33 -22.63
CA LYS B 205 -13.74 -5.74 -21.47
C LYS B 205 -14.34 -4.36 -21.79
N TRP B 206 -13.68 -3.60 -22.65
CA TRP B 206 -14.15 -2.28 -23.00
C TRP B 206 -15.39 -2.31 -23.88
N ASN B 207 -15.34 -3.08 -24.96
CA ASN B 207 -16.47 -3.21 -25.87
C ASN B 207 -17.71 -3.74 -25.16
N LYS B 208 -17.49 -4.57 -24.15
CA LYS B 208 -18.59 -5.15 -23.39
C LYS B 208 -19.22 -4.11 -22.48
N VAL B 209 -18.40 -3.41 -21.71
CA VAL B 209 -18.89 -2.42 -20.77
C VAL B 209 -19.42 -1.19 -21.50
N LEU B 210 -18.90 -0.94 -22.70
CA LEU B 210 -19.41 0.15 -23.53
C LEU B 210 -20.78 -0.24 -24.08
N LYS B 211 -20.91 -1.49 -24.48
CA LYS B 211 -22.20 -2.01 -24.94
C LYS B 211 -23.19 -1.99 -23.78
N GLN B 212 -22.73 -2.37 -22.59
CA GLN B 212 -23.53 -2.30 -21.38
C GLN B 212 -24.00 -0.87 -21.14
N VAL B 213 -23.14 0.10 -21.46
CA VAL B 213 -23.49 1.50 -21.35
C VAL B 213 -24.59 1.87 -22.35
N THR B 214 -24.42 1.42 -23.59
CA THR B 214 -25.42 1.68 -24.63
C THR B 214 -26.80 1.17 -24.20
N GLU B 215 -26.80 0.03 -23.52
CA GLU B 215 -28.04 -0.56 -23.02
C GLU B 215 -28.69 0.34 -21.98
N LYS B 216 -27.86 1.00 -21.18
CA LYS B 216 -28.37 1.80 -20.06
C LYS B 216 -28.98 3.11 -20.54
N LEU B 217 -28.46 3.64 -21.65
CA LEU B 217 -28.97 4.89 -22.20
C LEU B 217 -30.29 4.68 -22.94
N LYS B 218 -30.47 3.47 -23.47
CA LYS B 218 -31.72 3.12 -24.14
C LYS B 218 -32.87 3.06 -23.13
N GLU B 219 -32.53 2.82 -21.87
CA GLU B 219 -33.50 2.82 -20.80
C GLU B 219 -34.00 4.23 -20.52
N HIS B 220 -33.14 5.21 -20.78
CA HIS B 220 -33.47 6.61 -20.51
C HIS B 220 -33.87 7.37 -21.78
N PHE B 221 -33.66 6.76 -22.93
CA PHE B 221 -33.93 7.44 -24.20
C PHE B 221 -34.83 6.65 -25.16
N ASN B 222 -35.76 5.89 -24.59
CA ASN B 222 -36.85 5.27 -25.35
C ASN B 222 -36.42 4.30 -26.45
N ASN B 223 -35.41 3.47 -26.17
CA ASN B 223 -34.97 2.42 -27.11
C ASN B 223 -34.68 2.92 -28.52
N LYS B 224 -33.84 3.94 -28.65
CA LYS B 224 -33.56 4.53 -29.96
C LYS B 224 -32.40 3.83 -30.69
N THR B 225 -31.61 4.60 -31.42
CA THR B 225 -30.47 4.06 -32.16
C THR B 225 -29.22 4.82 -31.76
N ILE B 226 -28.61 4.41 -30.65
CA ILE B 226 -27.42 5.06 -30.13
C ILE B 226 -26.18 4.95 -31.03
N ILE B 227 -25.53 6.10 -31.28
CA ILE B 227 -24.29 6.12 -32.04
C ILE B 227 -23.19 6.87 -31.28
N PHE B 228 -22.05 6.22 -31.10
CA PHE B 228 -20.90 6.87 -30.50
C PHE B 228 -20.00 7.45 -31.57
N GLN B 229 -19.73 8.75 -31.47
CA GLN B 229 -18.87 9.44 -32.44
C GLN B 229 -17.96 10.41 -31.71
N PRO B 230 -16.73 10.61 -32.25
CA PRO B 230 -15.75 11.53 -31.65
C PRO B 230 -16.25 12.98 -31.60
N PRO B 231 -15.69 13.79 -30.68
CA PRO B 231 -16.08 15.19 -30.52
C PRO B 231 -15.98 15.96 -31.83
N SER B 232 -17.03 16.69 -32.17
CA SER B 232 -17.08 17.43 -33.43
C SER B 232 -15.92 18.40 -33.58
N GLY B 233 -15.76 19.29 -32.60
CA GLY B 233 -14.69 20.27 -32.64
C GLY B 233 -14.37 20.83 -31.26
N GLY B 234 -13.26 21.56 -31.18
CA GLY B 234 -12.83 22.14 -29.92
C GLY B 234 -11.34 21.94 -29.69
N ASP B 235 -10.83 22.50 -28.61
CA ASP B 235 -9.42 22.37 -28.27
C ASP B 235 -9.08 20.91 -27.95
N LEU B 236 -7.80 20.58 -28.02
CA LEU B 236 -7.34 19.20 -27.87
C LEU B 236 -7.74 18.59 -26.53
N GLU B 237 -7.99 19.45 -25.55
CA GLU B 237 -8.34 18.99 -24.21
C GLU B 237 -9.73 18.36 -24.17
N ILE B 238 -10.58 18.72 -25.14
CA ILE B 238 -11.93 18.17 -25.21
C ILE B 238 -12.03 17.07 -26.27
N THR B 239 -11.32 17.25 -27.38
CA THR B 239 -11.37 16.30 -28.48
C THR B 239 -10.58 15.02 -28.21
N MET B 240 -9.72 15.06 -27.20
CA MET B 240 -8.90 13.90 -26.85
C MET B 240 -9.00 13.59 -25.36
N HIS B 241 -8.53 12.40 -24.99
CA HIS B 241 -8.40 12.04 -23.58
C HIS B 241 -7.12 12.65 -23.03
N SER B 242 -7.28 13.68 -22.20
CA SER B 242 -6.14 14.36 -21.62
C SER B 242 -6.01 14.05 -20.13
N PHE B 243 -4.78 13.91 -19.68
CA PHE B 243 -4.49 13.58 -18.29
C PHE B 243 -3.02 13.79 -17.98
N ASN B 244 -2.69 13.85 -16.70
CA ASN B 244 -1.30 14.02 -16.30
C ASN B 244 -0.73 12.75 -15.70
N CYS B 245 0.38 12.29 -16.27
CA CYS B 245 1.05 11.08 -15.80
C CYS B 245 2.51 11.38 -15.51
N ARG B 246 2.88 11.22 -14.24
CA ARG B 246 4.24 11.49 -13.75
C ARG B 246 4.71 12.91 -14.06
N GLY B 247 3.79 13.87 -13.98
CA GLY B 247 4.12 15.26 -14.23
C GLY B 247 3.89 15.66 -15.68
N GLU B 248 3.98 14.69 -16.58
CA GLU B 248 3.81 14.94 -18.00
C GLU B 248 2.35 14.97 -18.42
N PHE B 249 2.03 15.79 -19.42
CA PHE B 249 0.65 15.92 -19.89
C PHE B 249 0.41 15.04 -21.12
N PHE B 250 -0.47 14.05 -20.96
CA PHE B 250 -0.77 13.12 -22.04
C PHE B 250 -2.04 13.51 -22.78
N TYR B 251 -2.00 13.41 -24.10
CA TYR B 251 -3.19 13.62 -24.93
C TYR B 251 -3.38 12.42 -25.85
N CYS B 252 -4.47 11.68 -25.66
CA CYS B 252 -4.67 10.43 -26.38
C CYS B 252 -5.92 10.40 -27.25
N ASN B 253 -5.73 10.03 -28.51
CA ASN B 253 -6.82 9.88 -29.46
C ASN B 253 -7.73 8.75 -29.02
N THR B 254 -9.03 9.03 -28.89
CA THR B 254 -9.98 8.04 -28.40
C THR B 254 -10.98 7.61 -29.46
N THR B 255 -10.70 7.93 -30.72
CA THR B 255 -11.59 7.55 -31.82
C THR B 255 -11.81 6.03 -31.84
N GLN B 256 -10.75 5.29 -31.51
CA GLN B 256 -10.82 3.83 -31.49
C GLN B 256 -11.68 3.30 -30.34
N LEU B 257 -11.89 4.13 -29.33
CA LEU B 257 -12.69 3.74 -28.17
C LEU B 257 -14.19 3.89 -28.43
N PHE B 258 -14.56 4.90 -29.21
CA PHE B 258 -15.96 5.23 -29.41
C PHE B 258 -16.40 5.01 -30.85
N ASN B 259 -15.99 3.87 -31.41
CA ASN B 259 -16.45 3.44 -32.72
C ASN B 259 -17.43 2.27 -32.61
N ASN B 260 -18.49 2.32 -33.41
CA ASN B 260 -19.63 1.43 -33.23
C ASN B 260 -19.52 0.06 -33.92
N THR B 261 -18.61 -0.07 -34.88
CA THR B 261 -18.44 -1.34 -35.58
C THR B 261 -18.01 -2.43 -34.62
N CYS B 262 -17.18 -2.05 -33.65
CA CYS B 262 -16.72 -2.98 -32.63
C CYS B 262 -17.60 -2.90 -31.39
N ILE B 263 -18.50 -3.87 -31.24
CA ILE B 263 -19.37 -3.96 -30.08
C ILE B 263 -19.49 -5.39 -29.58
N ASN B 272 -12.90 -6.67 -30.00
CA ASN B 272 -11.96 -7.63 -29.46
C ASN B 272 -10.52 -7.30 -29.84
N GLY B 273 -9.57 -7.75 -29.03
CA GLY B 273 -8.16 -7.47 -29.25
C GLY B 273 -7.69 -6.28 -28.45
N THR B 274 -6.39 -6.17 -28.25
CA THR B 274 -5.83 -5.05 -27.48
C THR B 274 -5.90 -3.74 -28.25
N ILE B 275 -6.74 -2.83 -27.75
CA ILE B 275 -6.92 -1.52 -28.36
C ILE B 275 -5.75 -0.60 -28.03
N THR B 276 -4.97 -0.23 -29.05
CA THR B 276 -3.84 0.65 -28.85
C THR B 276 -4.15 2.09 -29.28
N LEU B 277 -4.28 2.97 -28.30
CA LEU B 277 -4.61 4.37 -28.58
C LEU B 277 -3.35 5.22 -28.74
N PRO B 278 -3.22 5.91 -29.87
CA PRO B 278 -2.09 6.83 -30.07
C PRO B 278 -2.18 8.00 -29.10
N CYS B 279 -1.02 8.44 -28.59
CA CYS B 279 -0.98 9.53 -27.63
C CYS B 279 0.22 10.42 -27.90
N LYS B 280 0.22 11.59 -27.30
CA LYS B 280 1.38 12.47 -27.36
C LYS B 280 1.51 13.28 -26.08
N ILE B 281 2.74 13.52 -25.67
CA ILE B 281 3.02 14.32 -24.50
C ILE B 281 3.23 15.79 -24.89
N LYS B 282 2.25 16.62 -24.58
CA LYS B 282 2.29 18.02 -24.99
C LYS B 282 2.96 18.93 -23.96
N GLN B 283 3.76 19.87 -24.44
CA GLN B 283 4.39 20.88 -23.60
C GLN B 283 3.49 22.11 -23.53
N ILE B 284 2.76 22.38 -24.61
CA ILE B 284 1.90 23.55 -24.69
C ILE B 284 0.46 23.18 -24.35
N ILE B 285 -0.13 23.90 -23.39
CA ILE B 285 -1.40 23.48 -22.80
C ILE B 285 -2.38 24.62 -22.56
N ASN B 286 -3.65 24.36 -22.83
CA ASN B 286 -4.73 25.22 -22.37
C ASN B 286 -5.11 24.88 -20.94
N MET B 287 -4.84 25.80 -20.01
CA MET B 287 -5.10 25.58 -18.59
C MET B 287 -6.57 25.28 -18.30
N TRP B 288 -6.83 24.30 -17.45
CA TRP B 288 -8.19 23.95 -17.07
C TRP B 288 -8.75 24.91 -16.02
N GLN B 289 -7.86 25.67 -15.40
CA GLN B 289 -8.28 26.68 -14.42
C GLN B 289 -9.08 27.79 -15.10
N GLY B 290 -8.96 27.87 -16.42
CA GLY B 290 -9.68 28.87 -17.19
C GLY B 290 -8.81 30.06 -17.52
N THR B 291 -7.59 30.06 -17.00
CA THR B 291 -6.65 31.15 -17.25
C THR B 291 -6.28 31.25 -18.73
N GLY B 292 -5.53 30.30 -19.24
CA GLY B 292 -5.16 30.31 -20.65
C GLY B 292 -4.14 29.26 -21.07
N GLN B 293 -3.02 29.74 -21.60
CA GLN B 293 -2.02 28.88 -22.22
C GLN B 293 -0.76 28.76 -21.36
N ALA B 294 -0.06 27.64 -21.47
CA ALA B 294 1.17 27.41 -20.72
C ALA B 294 2.09 26.42 -21.43
N MET B 295 3.40 26.66 -21.38
CA MET B 295 4.37 25.78 -22.02
C MET B 295 5.38 25.18 -21.05
N TYR B 296 5.42 23.85 -21.00
CA TYR B 296 6.32 23.14 -20.09
C TYR B 296 7.57 22.61 -20.78
N ALA B 297 8.45 22.01 -19.99
CA ALA B 297 9.69 21.44 -20.50
C ALA B 297 9.46 20.06 -21.11
N PRO B 298 10.32 19.65 -22.05
CA PRO B 298 10.28 18.32 -22.67
C PRO B 298 10.24 17.19 -21.63
N PRO B 299 9.63 16.04 -21.99
CA PRO B 299 9.45 14.90 -21.10
C PRO B 299 10.74 14.36 -20.50
N ILE B 300 10.65 13.85 -19.27
CA ILE B 300 11.77 13.19 -18.62
C ILE B 300 12.20 11.94 -19.38
N ASP B 301 13.43 11.50 -19.15
CA ASP B 301 13.97 10.31 -19.81
C ASP B 301 13.49 9.03 -19.15
N GLY B 302 13.58 7.92 -19.89
CA GLY B 302 13.20 6.62 -19.35
C GLY B 302 11.74 6.29 -19.54
N LYS B 303 11.33 5.15 -19.01
CA LYS B 303 9.95 4.70 -19.15
C LYS B 303 9.00 5.54 -18.30
N ILE B 304 8.01 6.13 -18.95
CA ILE B 304 6.95 6.86 -18.26
C ILE B 304 5.66 6.06 -18.38
N ASN B 305 5.18 5.53 -17.27
CA ASN B 305 4.01 4.67 -17.31
C ASN B 305 2.95 5.02 -16.28
N CYS B 306 1.70 4.95 -16.71
CA CYS B 306 0.56 5.15 -15.82
C CYS B 306 -0.54 4.17 -16.17
N VAL B 307 -0.91 3.33 -15.19
CA VAL B 307 -2.02 2.41 -15.35
C VAL B 307 -3.16 2.91 -14.48
N SER B 308 -4.34 3.03 -15.06
CA SER B 308 -5.47 3.59 -14.34
C SER B 308 -6.75 2.78 -14.58
N ASN B 309 -7.66 2.84 -13.62
CA ASN B 309 -8.98 2.27 -13.80
C ASN B 309 -9.94 3.30 -14.37
N ILE B 310 -10.50 3.03 -15.55
CA ILE B 310 -11.56 3.85 -16.09
C ILE B 310 -12.84 3.56 -15.34
N THR B 311 -13.19 4.43 -14.39
CA THR B 311 -14.34 4.22 -13.53
C THR B 311 -15.56 5.02 -13.98
N GLY B 312 -15.33 5.99 -14.87
CA GLY B 312 -16.40 6.83 -15.35
C GLY B 312 -16.15 7.42 -16.72
N ILE B 313 -17.21 7.88 -17.37
CA ILE B 313 -17.13 8.47 -18.70
C ILE B 313 -17.93 9.78 -18.77
N LEU B 314 -17.38 10.78 -19.44
CA LEU B 314 -18.06 12.05 -19.62
C LEU B 314 -18.57 12.18 -21.05
N LEU B 315 -19.88 12.42 -21.20
CA LEU B 315 -20.48 12.48 -22.52
C LEU B 315 -21.32 13.73 -22.73
N THR B 316 -21.39 14.17 -23.98
CA THR B 316 -22.28 15.24 -24.39
C THR B 316 -23.24 14.66 -25.43
N ARG B 317 -24.47 15.15 -25.45
CA ARG B 317 -25.47 14.64 -26.39
C ARG B 317 -25.74 15.61 -27.53
N ASP B 318 -25.83 15.08 -28.74
CA ASP B 318 -26.17 15.88 -29.91
C ASP B 318 -27.62 16.32 -29.87
N GLY B 319 -27.88 17.54 -30.35
CA GLY B 319 -29.22 18.07 -30.39
C GLY B 319 -29.90 17.81 -31.72
N GLY B 320 -31.19 18.13 -31.81
CA GLY B 320 -31.95 17.93 -33.03
C GLY B 320 -32.30 16.48 -33.26
N ALA B 321 -32.51 15.74 -32.17
CA ALA B 321 -32.84 14.33 -32.26
C ALA B 321 -34.21 14.03 -31.66
N ASN B 322 -35.13 14.96 -31.83
CA ASN B 322 -36.49 14.79 -31.32
C ASN B 322 -37.35 13.95 -32.25
N ASN B 323 -37.09 14.07 -33.55
CA ASN B 323 -37.84 13.33 -34.56
C ASN B 323 -37.10 12.09 -35.02
N THR B 324 -35.78 12.17 -35.09
CA THR B 324 -34.95 11.07 -35.55
C THR B 324 -34.88 9.96 -34.51
N SER B 325 -34.12 8.92 -34.82
CA SER B 325 -33.95 7.80 -33.90
C SER B 325 -32.51 7.71 -33.44
N ASN B 326 -31.65 8.54 -34.03
CA ASN B 326 -30.23 8.50 -33.71
C ASN B 326 -29.82 9.55 -32.69
N GLU B 327 -29.38 9.10 -31.52
CA GLU B 327 -28.85 9.99 -30.51
C GLU B 327 -27.34 9.87 -30.47
N THR B 328 -26.65 10.86 -31.03
CA THR B 328 -25.20 10.85 -31.10
C THR B 328 -24.55 11.34 -29.81
N PHE B 329 -23.77 10.47 -29.19
CA PHE B 329 -23.06 10.83 -27.96
C PHE B 329 -21.56 10.92 -28.21
N ARG B 330 -20.95 11.97 -27.67
CA ARG B 330 -19.53 12.20 -27.85
C ARG B 330 -18.87 12.38 -26.49
N PRO B 331 -17.61 11.92 -26.37
CA PRO B 331 -16.88 12.11 -25.11
C PRO B 331 -16.59 13.58 -24.83
N GLY B 332 -17.35 14.17 -23.90
CA GLY B 332 -17.23 15.57 -23.59
C GLY B 332 -16.02 15.89 -22.73
N GLY B 333 -16.19 16.80 -21.78
CA GLY B 333 -15.11 17.20 -20.90
C GLY B 333 -14.99 18.72 -20.83
N GLY B 334 -13.95 19.19 -20.16
CA GLY B 334 -13.72 20.62 -20.03
C GLY B 334 -13.95 21.13 -18.62
N ASN B 335 -15.17 20.96 -18.14
CA ASN B 335 -15.49 21.38 -16.78
C ASN B 335 -15.01 20.37 -15.75
N ILE B 336 -13.82 20.61 -15.21
CA ILE B 336 -13.19 19.69 -14.27
C ILE B 336 -13.97 19.59 -12.97
N LYS B 337 -14.87 20.55 -12.74
CA LYS B 337 -15.76 20.48 -11.59
C LYS B 337 -16.62 19.23 -11.66
N ASP B 338 -16.98 18.84 -12.87
CA ASP B 338 -17.79 17.64 -13.08
C ASP B 338 -17.07 16.38 -12.61
N ASN B 339 -15.74 16.39 -12.69
CA ASN B 339 -14.95 15.29 -12.18
C ASN B 339 -15.20 15.09 -10.69
N TRP B 340 -15.11 16.16 -9.92
CA TRP B 340 -15.33 16.09 -8.48
C TRP B 340 -16.78 15.74 -8.18
N ARG B 341 -17.69 16.12 -9.08
CA ARG B 341 -19.11 15.81 -8.90
C ARG B 341 -19.38 14.31 -8.94
N SER B 342 -18.56 13.57 -9.68
CA SER B 342 -18.77 12.13 -9.84
C SER B 342 -18.38 11.36 -8.57
N GLU B 343 -17.72 12.04 -7.64
CA GLU B 343 -17.34 11.42 -6.37
C GLU B 343 -18.11 12.03 -5.20
N LEU B 344 -18.60 13.25 -5.39
CA LEU B 344 -19.28 13.99 -4.33
C LEU B 344 -20.81 13.90 -4.43
N TYR B 345 -21.28 13.21 -5.47
CA TYR B 345 -22.70 13.17 -5.79
C TYR B 345 -23.60 12.67 -4.65
N LYS B 346 -23.02 11.93 -3.71
CA LYS B 346 -23.79 11.30 -2.65
C LYS B 346 -23.72 12.05 -1.32
N TYR B 347 -22.98 13.16 -1.30
CA TYR B 347 -22.80 13.92 -0.06
C TYR B 347 -23.51 15.27 -0.07
N LYS B 348 -23.82 15.77 1.12
CA LYS B 348 -24.50 17.04 1.29
C LYS B 348 -24.24 17.57 2.69
N VAL B 349 -23.95 18.85 2.80
CA VAL B 349 -23.64 19.45 4.09
C VAL B 349 -24.87 20.07 4.73
N VAL B 350 -25.16 19.67 5.97
CA VAL B 350 -26.26 20.27 6.72
C VAL B 350 -25.78 20.87 8.04
N GLN B 351 -26.44 21.93 8.47
CA GLN B 351 -26.11 22.59 9.73
C GLN B 351 -27.01 22.10 10.85
N ILE B 352 -26.41 21.80 12.00
CA ILE B 352 -27.17 21.40 13.17
C ILE B 352 -26.99 22.41 14.30
N GLU B 353 -27.80 22.28 15.34
CA GLU B 353 -27.70 23.17 16.49
C GLU B 353 -26.63 22.72 17.47
#